data_1FGJ
#
_entry.id   1FGJ
#
_cell.length_a   96.200
_cell.length_b   96.200
_cell.length_c   265.700
_cell.angle_alpha   90.00
_cell.angle_beta   90.00
_cell.angle_gamma   120.00
#
_symmetry.space_group_name_H-M   'P 63'
#
loop_
_entity.id
_entity.type
_entity.pdbx_description
1 polymer 'HYDROXYLAMINE OXIDOREDUCTASE'
2 non-polymer 'PROTOPORPHYRIN IX CONTAINING FE'
3 non-polymer 'HEME C'
#
_entity_poly.entity_id   1
_entity_poly.type   'polypeptide(L)'
_entity_poly.pdbx_seq_one_letter_code
;DISTVPDETYDALKLDRGKATPKETYEALVKRYKDPAHGAGKGTMGDYWEPIAISIYMDPNTFYKPPVSPKEVAERKDCV
ECHSDETPVWVRAWKRSTHANLDKIRNLKSDDPLYYKKGKLEEVENNLRSMGKLGEKETLKEVGCIDCHVDVNKKDKADH
TKDIRMPTADTCGTCHLREFAERESERDTMVWPNGQWPAGRPSHALDYTANIETTVWATMPQREVAEGCTMCHTNQNKCD
NCHTRHEFSAAESRKPEACATCHSGVDHNNWEAYTMSKHGKLAEMNRDKWNWEVRLKDAFSKGGQNAPTCAACHMEYEGE
YTHNITRKTRWANYPFVPGIAENITSDWSEARLDSWVLTCTQCHSERFARSYLDLMDKGTLEGLAKYQEANAIVHKMYED
GTLTGQKTNRPNPPEPEKPGFGIFTQLFWSKGNNPASLELKVLEMGENNLAKMHVGLAHVNPGGWTYTEGWGPMNRAYVE
IQDEYTKMQELSALQARVNKLEGKQTSLLDLKGTGEKISLGGLGGGMLLAGALALIGWRKRKQTRA
;
_entity_poly.pdbx_strand_id   A,B
#
loop_
_chem_comp.id
_chem_comp.type
_chem_comp.name
_chem_comp.formula
HEC non-polymer 'HEME C' 'C34 H34 Fe N4 O4'
HEM non-polymer 'PROTOPORPHYRIN IX CONTAINING FE' 'C34 H32 Fe N4 O4'
#
# COMPACT_ATOMS: atom_id res chain seq x y z
N ASP A 1 10.29 -30.42 -4.95
CA ASP A 1 10.93 -29.85 -6.16
C ASP A 1 10.86 -28.32 -6.09
N ILE A 2 12.02 -27.69 -5.94
CA ILE A 2 12.10 -26.23 -5.90
C ILE A 2 13.10 -25.88 -7.00
N SER A 3 12.66 -26.10 -8.24
CA SER A 3 13.41 -25.85 -9.46
C SER A 3 14.83 -25.26 -9.43
N THR A 4 15.03 -24.23 -8.62
CA THR A 4 16.33 -23.56 -8.53
C THR A 4 17.38 -24.27 -7.68
N VAL A 5 16.95 -25.26 -6.90
CA VAL A 5 17.84 -26.02 -6.05
C VAL A 5 18.43 -27.21 -6.82
N PRO A 6 19.77 -27.40 -6.73
CA PRO A 6 20.46 -28.49 -7.41
C PRO A 6 20.09 -29.90 -6.95
N ASP A 7 20.02 -30.83 -7.91
CA ASP A 7 19.69 -32.23 -7.64
C ASP A 7 20.52 -32.71 -6.46
N GLU A 8 21.82 -32.46 -6.58
CA GLU A 8 22.81 -32.84 -5.57
C GLU A 8 22.33 -32.54 -4.16
N THR A 9 21.68 -31.39 -3.98
CA THR A 9 21.18 -31.04 -2.67
C THR A 9 20.08 -32.02 -2.29
N TYR A 10 19.17 -32.30 -3.22
CA TYR A 10 18.09 -33.24 -2.94
C TYR A 10 18.65 -34.61 -2.54
N ASP A 11 19.58 -35.10 -3.35
CA ASP A 11 20.24 -36.40 -3.10
C ASP A 11 20.88 -36.45 -1.72
N ALA A 12 21.74 -35.49 -1.42
CA ALA A 12 22.42 -35.42 -0.13
C ALA A 12 21.47 -35.46 1.04
N LEU A 13 20.33 -34.78 0.90
CA LEU A 13 19.35 -34.73 1.98
C LEU A 13 18.49 -35.99 2.03
N LYS A 14 18.65 -36.84 1.02
CA LYS A 14 17.91 -38.10 0.92
C LYS A 14 16.47 -37.90 0.43
N LEU A 15 16.21 -36.74 -0.17
CA LEU A 15 14.88 -36.37 -0.66
C LEU A 15 14.55 -36.69 -2.13
N ASP A 16 13.34 -37.20 -2.34
CA ASP A 16 12.84 -37.51 -3.68
C ASP A 16 12.23 -36.19 -4.21
N ARG A 17 12.92 -35.56 -5.18
CA ARG A 17 12.49 -34.28 -5.76
C ARG A 17 11.00 -34.13 -6.01
N GLY A 18 10.43 -35.09 -6.75
CA GLY A 18 9.02 -35.05 -7.06
C GLY A 18 8.22 -35.87 -6.06
N LYS A 19 8.39 -35.58 -4.78
CA LYS A 19 7.69 -36.32 -3.75
C LYS A 19 7.87 -35.59 -2.44
N ALA A 20 9.02 -34.94 -2.29
CA ALA A 20 9.30 -34.21 -1.07
C ALA A 20 8.35 -33.02 -0.97
N THR A 21 7.67 -32.94 0.16
CA THR A 21 6.74 -31.85 0.44
C THR A 21 7.57 -30.71 1.05
N PRO A 22 7.06 -29.46 1.04
CA PRO A 22 7.82 -28.34 1.60
C PRO A 22 8.22 -28.59 3.05
N LYS A 23 7.34 -29.23 3.81
CA LYS A 23 7.61 -29.53 5.21
C LYS A 23 8.82 -30.46 5.30
N GLU A 24 8.80 -31.51 4.49
CA GLU A 24 9.89 -32.48 4.47
C GLU A 24 11.21 -31.84 4.03
N THR A 25 11.17 -31.07 2.95
CA THR A 25 12.34 -30.39 2.41
C THR A 25 12.96 -29.47 3.46
N TYR A 26 12.11 -28.72 4.13
CA TYR A 26 12.54 -27.80 5.17
C TYR A 26 13.17 -28.56 6.35
N GLU A 27 12.49 -29.61 6.80
CA GLU A 27 12.96 -30.42 7.92
C GLU A 27 14.38 -30.96 7.71
N ALA A 28 14.65 -31.38 6.47
CA ALA A 28 15.95 -31.93 6.09
C ALA A 28 17.04 -30.87 6.20
N LEU A 29 16.86 -29.75 5.51
CA LEU A 29 17.81 -28.64 5.53
C LEU A 29 18.19 -28.22 6.94
N VAL A 30 17.19 -27.99 7.78
CA VAL A 30 17.42 -27.56 9.17
C VAL A 30 18.13 -28.63 9.96
N LYS A 31 17.89 -29.88 9.60
CA LYS A 31 18.53 -31.02 10.26
C LYS A 31 20.04 -30.81 10.16
N ARG A 32 20.52 -30.78 8.92
CA ARG A 32 21.93 -30.60 8.63
C ARG A 32 22.43 -29.25 9.16
N TYR A 33 21.58 -28.23 9.02
CA TYR A 33 21.87 -26.88 9.45
C TYR A 33 22.19 -26.74 10.95
N LYS A 34 21.38 -27.36 11.80
CA LYS A 34 21.60 -27.27 13.25
C LYS A 34 22.49 -28.38 13.79
N ASP A 35 22.99 -29.22 12.89
CA ASP A 35 23.85 -30.34 13.26
C ASP A 35 25.30 -29.91 13.40
N PRO A 36 25.91 -30.11 14.59
CA PRO A 36 27.31 -29.75 14.86
C PRO A 36 28.30 -30.51 13.98
N ALA A 37 27.90 -31.69 13.53
CA ALA A 37 28.75 -32.50 12.66
C ALA A 37 28.87 -31.84 11.27
N HIS A 38 28.11 -30.77 11.04
CA HIS A 38 28.15 -30.07 9.76
C HIS A 38 28.60 -28.63 9.83
N GLY A 39 28.93 -28.16 11.03
CA GLY A 39 29.39 -26.79 11.17
C GLY A 39 28.69 -25.97 12.22
N ALA A 40 27.69 -26.55 12.88
CA ALA A 40 26.96 -25.83 13.91
C ALA A 40 27.68 -25.86 15.25
N GLY A 41 27.38 -24.88 16.10
CA GLY A 41 27.99 -24.82 17.42
C GLY A 41 29.24 -23.97 17.58
N LYS A 42 30.09 -24.38 18.51
CA LYS A 42 31.33 -23.68 18.81
C LYS A 42 32.53 -24.25 18.07
N GLY A 43 32.34 -25.39 17.41
CA GLY A 43 33.42 -26.02 16.66
C GLY A 43 34.33 -26.96 17.45
N THR A 44 35.39 -27.39 16.78
CA THR A 44 36.39 -28.31 17.33
C THR A 44 37.30 -27.66 18.39
N MET A 45 37.46 -26.34 18.30
CA MET A 45 38.30 -25.61 19.24
C MET A 45 37.47 -24.90 20.28
N GLY A 46 36.29 -25.44 20.56
CA GLY A 46 35.40 -24.84 21.53
C GLY A 46 35.94 -24.67 22.93
N ASP A 47 36.80 -25.58 23.37
CA ASP A 47 37.34 -25.50 24.74
C ASP A 47 38.33 -24.35 24.95
N TYR A 48 38.76 -23.74 23.86
CA TYR A 48 39.71 -22.64 23.90
C TYR A 48 39.13 -21.22 23.97
N TRP A 49 37.90 -21.04 23.51
CA TRP A 49 37.29 -19.71 23.51
C TRP A 49 35.95 -19.66 24.19
N GLU A 50 35.56 -18.45 24.58
CA GLU A 50 34.28 -18.22 25.25
C GLU A 50 33.62 -17.04 24.53
N PRO A 51 32.28 -17.01 24.49
CA PRO A 51 31.57 -15.92 23.82
C PRO A 51 31.53 -14.64 24.63
N ILE A 52 31.58 -13.51 23.94
CA ILE A 52 31.51 -12.22 24.59
C ILE A 52 30.06 -11.73 24.49
N ALA A 53 29.73 -10.64 25.18
CA ALA A 53 28.37 -10.09 25.20
C ALA A 53 27.64 -10.02 23.85
N ILE A 54 28.29 -9.42 22.85
CA ILE A 54 27.71 -9.27 21.53
C ILE A 54 27.63 -10.59 20.76
N SER A 55 28.14 -11.66 21.33
CA SER A 55 28.14 -12.96 20.65
C SER A 55 26.75 -13.58 20.55
N ILE A 56 25.83 -13.18 21.43
CA ILE A 56 24.46 -13.70 21.41
C ILE A 56 23.71 -13.26 20.14
N TYR A 57 24.27 -12.26 19.46
CA TYR A 57 23.73 -11.72 18.22
C TYR A 57 24.41 -12.31 17.00
N MET A 58 25.69 -12.61 17.13
CA MET A 58 26.43 -13.20 16.03
C MET A 58 26.11 -14.68 15.86
N ASP A 59 25.79 -15.37 16.95
CA ASP A 59 25.44 -16.79 16.88
C ASP A 59 24.33 -17.10 17.90
N PRO A 60 23.09 -16.70 17.58
CA PRO A 60 21.90 -16.88 18.42
C PRO A 60 21.64 -18.33 18.81
N ASN A 61 21.56 -19.22 17.83
CA ASN A 61 21.32 -20.65 18.08
C ASN A 61 22.26 -21.28 19.11
N THR A 62 23.32 -20.57 19.47
CA THR A 62 24.26 -21.09 20.44
C THR A 62 24.27 -20.27 21.72
N PHE A 63 24.25 -18.95 21.59
CA PHE A 63 24.32 -18.09 22.77
C PHE A 63 23.12 -17.25 23.20
N TYR A 64 22.19 -16.96 22.30
CA TYR A 64 21.09 -16.09 22.67
C TYR A 64 20.09 -16.59 23.69
N LYS A 65 19.79 -15.73 24.65
CA LYS A 65 18.82 -15.99 25.71
C LYS A 65 18.05 -14.67 25.83
N PRO A 66 16.71 -14.75 26.01
CA PRO A 66 15.82 -13.58 26.13
C PRO A 66 16.27 -12.57 27.19
N PRO A 67 16.03 -11.27 26.94
CA PRO A 67 16.41 -10.22 27.90
C PRO A 67 15.46 -10.21 29.09
N VAL A 68 15.94 -10.74 30.22
CA VAL A 68 15.13 -10.79 31.44
C VAL A 68 14.83 -9.43 32.06
N SER A 69 15.42 -8.37 31.51
CA SER A 69 15.23 -7.01 32.03
C SER A 69 13.74 -6.66 32.19
N PRO A 70 12.96 -6.70 31.10
CA PRO A 70 11.53 -6.37 31.25
C PRO A 70 10.64 -7.60 31.39
N LYS A 71 9.95 -7.71 32.51
CA LYS A 71 9.03 -8.83 32.73
C LYS A 71 7.67 -8.47 32.10
N GLU A 72 7.52 -8.82 30.82
CA GLU A 72 6.29 -8.53 30.08
C GLU A 72 5.75 -9.71 29.29
N VAL A 73 4.44 -9.85 29.31
CA VAL A 73 3.75 -10.89 28.55
C VAL A 73 2.94 -10.05 27.55
N ALA A 74 3.31 -10.12 26.28
CA ALA A 74 2.67 -9.31 25.26
C ALA A 74 2.03 -10.06 24.11
N GLU A 75 1.25 -9.34 23.33
CA GLU A 75 0.58 -9.88 22.16
C GLU A 75 1.09 -9.12 20.93
N ARG A 76 0.73 -9.61 19.76
CA ARG A 76 1.09 -9.01 18.48
C ARG A 76 1.09 -7.47 18.45
N LYS A 77 -0.02 -6.86 18.87
CA LYS A 77 -0.18 -5.41 18.88
C LYS A 77 0.61 -4.69 19.97
N ASP A 78 0.95 -5.42 21.04
CA ASP A 78 1.74 -4.86 22.15
C ASP A 78 3.17 -4.62 21.72
N CYS A 79 3.72 -5.57 20.96
CA CYS A 79 5.08 -5.50 20.47
C CYS A 79 5.30 -4.18 19.77
N VAL A 80 4.38 -3.87 18.86
CA VAL A 80 4.44 -2.64 18.10
C VAL A 80 4.24 -1.40 18.96
N GLU A 81 3.17 -1.38 19.75
CA GLU A 81 2.90 -0.19 20.58
C GLU A 81 4.03 0.19 21.51
N CYS A 82 4.47 -0.76 22.33
CA CYS A 82 5.55 -0.49 23.29
C CYS A 82 6.80 -0.08 22.56
N HIS A 83 7.13 -0.81 21.50
CA HIS A 83 8.34 -0.48 20.75
C HIS A 83 8.29 0.82 19.98
N SER A 84 7.09 1.38 19.80
CA SER A 84 6.96 2.65 19.10
C SER A 84 7.75 3.69 19.89
N ASP A 85 7.77 3.50 21.21
CA ASP A 85 8.49 4.38 22.10
C ASP A 85 9.86 3.82 22.40
N GLU A 86 9.93 2.52 22.67
CA GLU A 86 11.19 1.87 23.00
C GLU A 86 12.24 1.83 21.89
N THR A 87 11.82 1.48 20.68
CA THR A 87 12.73 1.41 19.55
C THR A 87 12.02 2.02 18.35
N PRO A 88 11.81 3.35 18.38
CA PRO A 88 11.15 4.20 17.39
C PRO A 88 11.43 3.85 15.92
N VAL A 89 12.69 3.97 15.52
CA VAL A 89 13.10 3.70 14.14
C VAL A 89 12.86 2.24 13.71
N TRP A 90 12.90 1.31 14.66
CA TRP A 90 12.66 -0.11 14.35
C TRP A 90 11.22 -0.40 13.94
N VAL A 91 10.28 0.31 14.54
CA VAL A 91 8.86 0.16 14.25
C VAL A 91 8.50 0.84 12.92
N ARG A 92 9.02 2.05 12.72
CA ARG A 92 8.78 2.80 11.50
C ARG A 92 9.30 2.06 10.28
N ALA A 93 10.57 1.66 10.32
CA ALA A 93 11.21 0.92 9.22
C ALA A 93 10.42 -0.34 8.83
N TRP A 94 9.88 -1.03 9.83
CA TRP A 94 9.10 -2.23 9.60
C TRP A 94 7.76 -1.89 8.95
N LYS A 95 7.05 -0.91 9.52
CA LYS A 95 5.77 -0.48 8.99
C LYS A 95 5.86 -0.09 7.52
N ARG A 96 6.94 0.57 7.15
CA ARG A 96 7.12 1.00 5.77
C ARG A 96 7.56 -0.15 4.86
N SER A 97 7.60 -1.37 5.39
CA SER A 97 8.04 -2.51 4.60
C SER A 97 6.98 -3.51 4.16
N THR A 98 7.33 -4.26 3.12
CA THR A 98 6.47 -5.27 2.52
C THR A 98 5.97 -6.29 3.53
N HIS A 99 6.74 -6.55 4.59
CA HIS A 99 6.32 -7.51 5.60
C HIS A 99 5.08 -6.97 6.30
N ALA A 100 5.06 -5.65 6.46
CA ALA A 100 3.98 -4.95 7.11
C ALA A 100 2.89 -4.58 6.10
N ASN A 101 3.21 -4.70 4.80
CA ASN A 101 2.30 -4.33 3.74
C ASN A 101 2.00 -5.44 2.75
N LEU A 102 1.52 -6.58 3.23
CA LEU A 102 1.22 -7.70 2.36
C LEU A 102 0.09 -7.48 1.35
N ASP A 103 -0.89 -6.65 1.72
CA ASP A 103 -2.04 -6.36 0.82
C ASP A 103 -1.60 -5.82 -0.54
N LYS A 104 -0.65 -4.88 -0.53
CA LYS A 104 -0.13 -4.31 -1.75
C LYS A 104 0.32 -5.43 -2.72
N ILE A 105 1.10 -6.37 -2.20
CA ILE A 105 1.60 -7.48 -3.01
C ILE A 105 0.46 -8.23 -3.70
N ARG A 106 -0.68 -8.35 -3.03
CA ARG A 106 -1.83 -9.06 -3.56
C ARG A 106 -2.58 -8.31 -4.64
N ASN A 107 -2.71 -7.00 -4.46
CA ASN A 107 -3.44 -6.19 -5.41
C ASN A 107 -2.56 -5.66 -6.54
N LEU A 108 -1.41 -6.31 -6.76
CA LEU A 108 -0.47 -5.91 -7.80
C LEU A 108 -0.97 -6.12 -9.21
N LYS A 109 -0.70 -5.14 -10.07
CA LYS A 109 -1.10 -5.24 -11.46
C LYS A 109 -0.14 -6.16 -12.18
N SER A 110 -0.68 -7.00 -13.07
CA SER A 110 0.10 -7.96 -13.85
C SER A 110 1.17 -7.32 -14.71
N ASP A 111 0.91 -6.10 -15.18
CA ASP A 111 1.85 -5.39 -16.02
C ASP A 111 2.92 -4.61 -15.21
N ASP A 112 2.82 -4.72 -13.88
CA ASP A 112 3.76 -4.05 -13.00
C ASP A 112 4.98 -4.96 -12.87
N PRO A 113 6.20 -4.39 -12.94
CA PRO A 113 7.45 -5.16 -12.84
C PRO A 113 7.57 -5.92 -11.52
N LEU A 114 7.10 -5.32 -10.44
CA LEU A 114 7.18 -5.96 -9.13
C LEU A 114 6.03 -6.94 -8.90
N TYR A 115 5.42 -7.40 -9.99
CA TYR A 115 4.31 -8.34 -9.91
C TYR A 115 4.71 -9.74 -9.45
N TYR A 116 5.92 -10.15 -9.81
CA TYR A 116 6.44 -11.48 -9.46
C TYR A 116 6.36 -11.77 -7.96
N LYS A 117 6.30 -10.70 -7.16
CA LYS A 117 6.23 -10.82 -5.72
C LYS A 117 4.93 -11.47 -5.30
N LYS A 118 3.86 -11.21 -6.05
CA LYS A 118 2.54 -11.79 -5.76
C LYS A 118 2.61 -13.32 -5.81
N GLY A 119 3.40 -13.83 -6.76
CA GLY A 119 3.57 -15.27 -6.88
C GLY A 119 4.37 -15.75 -5.67
N LYS A 120 5.42 -15.02 -5.33
CA LYS A 120 6.27 -15.36 -4.20
C LYS A 120 5.46 -15.39 -2.90
N LEU A 121 4.40 -14.62 -2.84
CA LEU A 121 3.54 -14.58 -1.65
C LEU A 121 2.74 -15.86 -1.56
N GLU A 122 2.21 -16.31 -2.70
CA GLU A 122 1.39 -17.52 -2.76
C GLU A 122 2.21 -18.72 -2.32
N GLU A 123 3.42 -18.79 -2.87
CA GLU A 123 4.37 -19.85 -2.58
C GLU A 123 4.60 -19.97 -1.07
N VAL A 124 4.97 -18.85 -0.45
CA VAL A 124 5.20 -18.77 0.99
C VAL A 124 4.01 -19.35 1.76
N GLU A 125 2.81 -18.91 1.40
CA GLU A 125 1.60 -19.36 2.05
C GLU A 125 1.45 -20.87 1.96
N ASN A 126 1.88 -21.44 0.84
CA ASN A 126 1.81 -22.89 0.66
C ASN A 126 2.86 -23.60 1.50
N ASN A 127 3.99 -22.94 1.71
CA ASN A 127 5.06 -23.52 2.53
C ASN A 127 4.52 -23.65 3.95
N LEU A 128 3.87 -22.59 4.42
CA LEU A 128 3.30 -22.55 5.76
C LEU A 128 2.17 -23.56 5.99
N ARG A 129 1.32 -23.75 4.98
CA ARG A 129 0.22 -24.70 5.07
C ARG A 129 0.80 -26.10 5.27
N SER A 130 1.77 -26.45 4.41
CA SER A 130 2.44 -27.74 4.47
C SER A 130 3.06 -27.96 5.85
N MET A 131 3.55 -26.88 6.47
CA MET A 131 4.15 -26.97 7.80
C MET A 131 3.18 -26.75 8.92
N GLY A 132 1.89 -26.65 8.57
CA GLY A 132 0.87 -26.44 9.58
C GLY A 132 0.96 -25.09 10.26
N LYS A 133 1.71 -24.16 9.68
CA LYS A 133 1.83 -22.82 10.25
C LYS A 133 0.66 -21.94 9.80
N LEU A 134 0.04 -22.30 8.68
CA LEU A 134 -1.08 -21.56 8.10
C LEU A 134 -2.23 -22.50 7.73
N GLY A 135 -3.46 -22.09 8.01
CA GLY A 135 -4.61 -22.91 7.66
C GLY A 135 -4.82 -22.97 6.16
N GLU A 136 -5.43 -24.05 5.67
CA GLU A 136 -5.67 -24.24 4.24
C GLU A 136 -6.42 -23.10 3.54
N LYS A 137 -7.43 -22.57 4.22
CA LYS A 137 -8.20 -21.45 3.67
C LYS A 137 -7.82 -20.21 4.47
N GLU A 138 -6.53 -19.95 4.57
CA GLU A 138 -6.08 -18.82 5.35
C GLU A 138 -4.92 -18.09 4.67
N THR A 139 -4.93 -16.77 4.78
CA THR A 139 -3.87 -15.97 4.18
C THR A 139 -2.92 -15.51 5.27
N LEU A 140 -1.75 -15.05 4.87
CA LEU A 140 -0.76 -14.56 5.80
C LEU A 140 -1.17 -13.12 6.02
N LYS A 141 -1.73 -12.82 7.17
CA LYS A 141 -2.15 -11.46 7.46
C LYS A 141 -0.99 -10.47 7.31
N GLU A 142 0.14 -10.78 7.94
CA GLU A 142 1.34 -9.94 7.89
C GLU A 142 2.53 -10.66 8.52
N VAL A 143 3.70 -10.06 8.37
CA VAL A 143 4.95 -10.58 8.95
C VAL A 143 5.42 -9.50 9.92
N GLY A 144 4.97 -9.60 11.16
CA GLY A 144 5.33 -8.65 12.18
C GLY A 144 6.40 -9.10 13.15
N CYS A 145 6.65 -8.29 14.18
CA CYS A 145 7.67 -8.58 15.20
C CYS A 145 7.50 -9.94 15.87
N ILE A 146 6.30 -10.24 16.36
CA ILE A 146 5.99 -11.51 17.04
C ILE A 146 6.21 -12.76 16.19
N ASP A 147 6.10 -12.60 14.88
CA ASP A 147 6.28 -13.71 13.96
C ASP A 147 7.74 -14.13 13.90
N CYS A 148 8.62 -13.16 13.66
CA CYS A 148 10.05 -13.39 13.58
C CYS A 148 10.71 -13.55 14.94
N HIS A 149 10.20 -12.86 15.95
CA HIS A 149 10.80 -12.92 17.27
C HIS A 149 10.26 -13.87 18.32
N VAL A 150 9.34 -14.75 17.92
CA VAL A 150 8.79 -15.75 18.83
C VAL A 150 8.33 -16.93 18.00
N ASP A 151 7.18 -16.78 17.31
CA ASP A 151 6.65 -17.87 16.48
C ASP A 151 5.90 -17.38 15.25
N VAL A 152 6.11 -18.07 14.13
CA VAL A 152 5.45 -17.74 12.87
C VAL A 152 3.95 -17.95 13.05
N ASN A 153 3.17 -16.92 12.67
CA ASN A 153 1.71 -16.92 12.78
C ASN A 153 1.23 -17.15 14.21
N LYS A 154 1.97 -16.58 15.16
CA LYS A 154 1.68 -16.68 16.58
C LYS A 154 0.40 -15.88 16.88
N LYS A 155 -0.56 -16.53 17.54
CA LYS A 155 -1.82 -15.88 17.89
C LYS A 155 -1.78 -15.29 19.30
N ASP A 156 -1.72 -16.18 20.28
CA ASP A 156 -1.69 -15.83 21.70
C ASP A 156 -0.49 -15.01 22.16
N LYS A 157 -0.52 -14.64 23.45
CA LYS A 157 0.51 -13.85 24.10
C LYS A 157 1.86 -14.56 24.16
N ALA A 158 2.92 -13.76 24.19
CA ALA A 158 4.28 -14.26 24.28
C ALA A 158 4.89 -13.66 25.54
N ASP A 159 5.69 -14.46 26.23
CA ASP A 159 6.36 -14.03 27.44
C ASP A 159 7.70 -13.47 26.98
N HIS A 160 7.87 -12.17 27.15
CA HIS A 160 9.08 -11.48 26.74
C HIS A 160 10.38 -12.11 27.25
N THR A 161 10.43 -12.40 28.55
CA THR A 161 11.62 -12.97 29.18
C THR A 161 11.96 -14.43 28.87
N LYS A 162 10.98 -15.18 28.38
CA LYS A 162 11.20 -16.59 28.11
C LYS A 162 10.90 -16.99 26.67
N ASP A 163 10.28 -16.10 25.91
CA ASP A 163 9.90 -16.42 24.53
C ASP A 163 10.63 -15.74 23.38
N ILE A 164 11.24 -14.59 23.62
CA ILE A 164 11.94 -13.87 22.57
C ILE A 164 13.19 -14.57 22.01
N ARG A 165 13.32 -14.54 20.69
CA ARG A 165 14.45 -15.15 20.00
C ARG A 165 14.97 -14.17 18.96
N MET A 166 16.14 -14.50 18.39
CA MET A 166 16.75 -13.71 17.33
C MET A 166 16.61 -14.57 16.08
N PRO A 167 15.93 -14.06 15.04
CA PRO A 167 15.71 -14.78 13.79
C PRO A 167 16.97 -15.20 13.03
N THR A 168 17.19 -16.51 12.95
CA THR A 168 18.35 -17.07 12.25
C THR A 168 17.92 -17.49 10.83
N ALA A 169 18.87 -17.89 9.99
CA ALA A 169 18.57 -18.29 8.61
C ALA A 169 17.35 -19.20 8.45
N ASP A 170 17.24 -20.21 9.32
CA ASP A 170 16.12 -21.17 9.27
C ASP A 170 14.78 -20.54 9.62
N THR A 171 14.81 -19.46 10.40
CA THR A 171 13.60 -18.75 10.80
C THR A 171 12.95 -18.10 9.56
N CYS A 172 13.78 -17.52 8.71
CA CYS A 172 13.30 -16.89 7.48
C CYS A 172 12.87 -18.02 6.56
N GLY A 173 13.63 -19.12 6.61
CA GLY A 173 13.38 -20.29 5.78
C GLY A 173 12.03 -20.94 5.96
N THR A 174 11.35 -20.68 7.08
CA THR A 174 10.03 -21.24 7.33
C THR A 174 9.06 -20.73 6.26
N CYS A 175 9.34 -19.52 5.76
CA CYS A 175 8.55 -18.89 4.72
C CYS A 175 9.34 -18.81 3.42
N HIS A 176 10.61 -18.43 3.54
CA HIS A 176 11.50 -18.30 2.39
C HIS A 176 12.32 -19.55 2.12
N LEU A 177 11.62 -20.68 1.95
CA LEU A 177 12.27 -21.94 1.67
C LEU A 177 13.16 -21.85 0.43
N ARG A 178 12.60 -21.37 -0.68
CA ARG A 178 13.35 -21.26 -1.94
C ARG A 178 14.74 -20.61 -1.76
N GLU A 179 14.79 -19.51 -1.02
CA GLU A 179 16.04 -18.79 -0.78
C GLU A 179 16.98 -19.54 0.16
N PHE A 180 16.44 -20.08 1.25
CA PHE A 180 17.20 -20.83 2.24
C PHE A 180 17.88 -22.05 1.60
N ALA A 181 17.12 -22.83 0.84
CA ALA A 181 17.62 -24.04 0.19
C ALA A 181 18.68 -23.71 -0.86
N GLU A 182 18.49 -22.61 -1.59
CA GLU A 182 19.46 -22.22 -2.59
C GLU A 182 20.80 -21.91 -1.95
N ARG A 183 20.76 -21.24 -0.80
CA ARG A 183 21.99 -20.90 -0.11
C ARG A 183 22.62 -22.14 0.51
N GLU A 184 21.79 -23.00 1.10
CA GLU A 184 22.29 -24.23 1.71
C GLU A 184 22.86 -25.19 0.68
N SER A 185 22.40 -25.09 -0.57
CA SER A 185 22.89 -25.96 -1.63
C SER A 185 24.36 -25.71 -1.96
N GLU A 186 24.92 -24.66 -1.36
CA GLU A 186 26.32 -24.29 -1.54
C GLU A 186 27.23 -25.36 -0.93
N ARG A 187 26.76 -26.00 0.15
CA ARG A 187 27.50 -27.05 0.82
C ARG A 187 27.70 -28.21 -0.15
N ASP A 188 26.73 -28.38 -1.04
CA ASP A 188 26.72 -29.44 -2.04
C ASP A 188 27.36 -29.09 -3.39
N THR A 189 27.30 -27.83 -3.78
CA THR A 189 27.85 -27.42 -5.07
C THR A 189 29.31 -26.97 -5.11
N MET A 190 29.80 -26.32 -4.07
CA MET A 190 31.19 -25.92 -4.08
C MET A 190 32.06 -27.05 -3.54
N VAL A 191 32.39 -28.00 -4.41
CA VAL A 191 33.23 -29.14 -4.05
C VAL A 191 34.36 -29.16 -5.07
N TRP A 192 35.59 -29.02 -4.58
CA TRP A 192 36.76 -28.98 -5.45
C TRP A 192 37.25 -30.37 -5.81
N PRO A 193 37.73 -30.55 -7.05
CA PRO A 193 38.23 -31.83 -7.55
C PRO A 193 39.48 -32.38 -6.84
N ASN A 194 40.24 -31.55 -6.14
CA ASN A 194 41.44 -32.05 -5.47
C ASN A 194 41.59 -31.60 -4.02
N GLY A 195 40.48 -31.35 -3.34
CA GLY A 195 40.52 -30.93 -1.96
C GLY A 195 41.29 -29.65 -1.67
N GLN A 196 41.44 -28.79 -2.69
CA GLN A 196 42.15 -27.53 -2.52
C GLN A 196 41.52 -26.71 -1.38
N TRP A 197 40.20 -26.86 -1.22
CA TRP A 197 39.45 -26.17 -0.17
C TRP A 197 38.46 -27.16 0.43
N PRO A 198 37.97 -26.88 1.66
CA PRO A 198 37.01 -27.73 2.37
C PRO A 198 35.69 -27.78 1.61
N ALA A 199 35.10 -28.96 1.49
CA ALA A 199 33.83 -29.14 0.78
C ALA A 199 32.74 -28.15 1.25
N GLY A 200 32.21 -27.39 0.28
CA GLY A 200 31.19 -26.41 0.56
C GLY A 200 31.77 -25.06 0.95
N ARG A 201 33.02 -24.79 0.59
CA ARG A 201 33.70 -23.54 0.92
C ARG A 201 34.70 -23.18 -0.17
N PRO A 202 34.98 -21.88 -0.36
CA PRO A 202 34.42 -20.73 0.37
C PRO A 202 32.96 -20.47 -0.04
N SER A 203 32.14 -20.00 0.90
CA SER A 203 30.75 -19.73 0.60
C SER A 203 30.09 -18.99 1.76
N HIS A 204 28.81 -18.65 1.60
CA HIS A 204 28.05 -17.95 2.63
C HIS A 204 27.37 -18.94 3.59
N ALA A 205 27.14 -20.16 3.10
CA ALA A 205 26.49 -21.20 3.89
C ALA A 205 27.36 -21.73 5.03
N LEU A 206 28.69 -21.64 4.85
CA LEU A 206 29.64 -22.10 5.86
C LEU A 206 30.69 -21.05 6.26
N ASP A 207 30.34 -19.78 6.16
CA ASP A 207 31.28 -18.73 6.50
C ASP A 207 31.54 -18.62 8.01
N TYR A 208 30.54 -18.90 8.84
CA TYR A 208 30.76 -18.82 10.29
C TYR A 208 31.57 -20.05 10.75
N THR A 209 31.27 -21.20 10.15
CA THR A 209 31.98 -22.44 10.46
C THR A 209 33.45 -22.26 10.10
N ALA A 210 33.71 -21.53 9.01
CA ALA A 210 35.06 -21.25 8.53
C ALA A 210 35.81 -20.32 9.47
N ASN A 211 35.06 -19.41 10.10
CA ASN A 211 35.63 -18.43 11.01
C ASN A 211 36.05 -19.08 12.34
N ILE A 212 35.16 -19.86 12.93
CA ILE A 212 35.44 -20.52 14.20
C ILE A 212 36.49 -21.63 14.05
N GLU A 213 36.67 -22.10 12.83
CA GLU A 213 37.66 -23.15 12.59
C GLU A 213 39.04 -22.55 12.30
N THR A 214 39.14 -21.23 12.36
CA THR A 214 40.42 -20.56 12.14
C THR A 214 41.12 -20.58 13.50
N THR A 215 42.15 -21.41 13.59
CA THR A 215 42.92 -21.59 14.82
C THR A 215 43.19 -20.29 15.56
N VAL A 216 43.76 -19.31 14.86
CA VAL A 216 44.10 -18.02 15.47
C VAL A 216 42.89 -17.41 16.16
N TRP A 217 41.74 -17.45 15.49
CA TRP A 217 40.53 -16.90 16.05
C TRP A 217 40.23 -17.54 17.39
N ALA A 218 40.38 -18.86 17.46
CA ALA A 218 40.14 -19.58 18.69
C ALA A 218 41.25 -19.46 19.74
N THR A 219 42.50 -19.27 19.30
CA THR A 219 43.60 -19.17 20.26
C THR A 219 43.98 -17.79 20.77
N MET A 220 43.79 -16.75 19.97
CA MET A 220 44.17 -15.40 20.41
C MET A 220 43.34 -14.88 21.56
N PRO A 221 44.01 -14.34 22.59
CA PRO A 221 43.32 -13.79 23.77
C PRO A 221 42.48 -12.53 23.53
N GLN A 222 42.80 -11.78 22.48
CA GLN A 222 42.10 -10.54 22.14
C GLN A 222 40.74 -10.84 21.47
N ARG A 223 39.77 -11.23 22.28
CA ARG A 223 38.44 -11.59 21.81
C ARG A 223 37.68 -10.48 21.12
N GLU A 224 37.90 -9.25 21.56
CA GLU A 224 37.25 -8.09 20.96
C GLU A 224 37.81 -7.87 19.55
N VAL A 225 39.12 -7.97 19.39
CA VAL A 225 39.76 -7.82 18.08
C VAL A 225 39.26 -8.97 17.19
N ALA A 226 39.41 -10.19 17.69
CA ALA A 226 38.98 -11.40 16.97
C ALA A 226 37.52 -11.38 16.55
N GLU A 227 36.68 -10.68 17.31
CA GLU A 227 35.25 -10.59 17.01
C GLU A 227 34.95 -9.80 15.75
N GLY A 228 35.81 -8.86 15.38
CA GLY A 228 35.62 -8.09 14.16
C GLY A 228 35.66 -9.00 12.93
N CYS A 229 36.11 -10.24 13.11
CA CYS A 229 36.18 -11.20 12.03
C CYS A 229 34.84 -11.93 11.99
N THR A 230 34.24 -12.13 13.16
CA THR A 230 32.96 -12.82 13.28
C THR A 230 31.86 -12.03 12.54
N MET A 231 31.95 -10.70 12.62
CA MET A 231 30.98 -9.82 11.96
C MET A 231 30.95 -9.97 10.44
N CYS A 232 32.06 -10.38 9.83
CA CYS A 232 32.10 -10.58 8.39
C CYS A 232 31.78 -12.03 8.04
N HIS A 233 31.52 -12.84 9.07
CA HIS A 233 31.24 -14.25 8.88
C HIS A 233 29.91 -14.71 9.48
N THR A 234 28.92 -13.81 9.55
CA THR A 234 27.60 -14.12 10.11
C THR A 234 26.51 -14.59 9.13
N ASN A 235 26.74 -14.43 7.83
CA ASN A 235 25.76 -14.84 6.80
C ASN A 235 25.08 -16.19 7.03
N GLN A 236 25.84 -17.12 7.62
CA GLN A 236 25.37 -18.47 7.91
C GLN A 236 24.27 -18.48 8.97
N ASN A 237 24.46 -17.64 9.99
CA ASN A 237 23.52 -17.56 11.11
C ASN A 237 22.31 -16.65 10.89
N LYS A 238 22.48 -15.54 10.20
CA LYS A 238 21.37 -14.61 9.97
C LYS A 238 21.31 -14.10 8.52
N CYS A 239 20.10 -13.84 8.02
CA CYS A 239 19.92 -13.37 6.65
C CYS A 239 19.76 -11.87 6.46
N ASP A 240 20.07 -11.09 7.48
CA ASP A 240 19.94 -9.65 7.38
C ASP A 240 21.22 -8.92 6.92
N ASN A 241 22.13 -9.63 6.27
CA ASN A 241 23.37 -8.98 5.83
C ASN A 241 23.33 -8.20 4.52
N CYS A 242 22.85 -8.79 3.43
CA CYS A 242 22.76 -8.05 2.18
C CYS A 242 21.55 -7.13 2.21
N HIS A 243 20.40 -7.67 2.62
CA HIS A 243 19.19 -6.86 2.79
C HIS A 243 19.04 -6.73 4.30
N THR A 244 19.44 -5.57 4.80
CA THR A 244 19.46 -5.28 6.23
C THR A 244 18.17 -5.26 7.04
N ARG A 245 18.38 -5.35 8.36
CA ARG A 245 17.35 -5.39 9.39
C ARG A 245 16.15 -4.46 9.32
N HIS A 246 15.01 -5.09 9.59
CA HIS A 246 13.70 -4.49 9.66
C HIS A 246 13.07 -3.95 8.41
N GLU A 247 13.87 -3.46 7.48
CA GLU A 247 13.32 -2.99 6.23
C GLU A 247 13.42 -4.13 5.20
N PHE A 248 14.43 -4.99 5.35
CA PHE A 248 14.68 -6.12 4.47
C PHE A 248 14.42 -5.92 2.97
N SER A 249 14.97 -4.84 2.43
CA SER A 249 14.78 -4.51 1.02
C SER A 249 15.64 -5.32 0.03
N ALA A 250 15.00 -5.88 -1.00
CA ALA A 250 15.68 -6.66 -2.03
C ALA A 250 16.39 -5.72 -3.00
N ALA A 251 15.93 -4.48 -3.08
CA ALA A 251 16.52 -3.47 -3.95
C ALA A 251 17.87 -3.07 -3.39
N GLU A 252 17.96 -3.11 -2.07
CA GLU A 252 19.16 -2.76 -1.33
C GLU A 252 20.27 -3.78 -1.55
N SER A 253 19.92 -5.07 -1.46
CA SER A 253 20.90 -6.13 -1.64
C SER A 253 21.42 -6.26 -3.07
N ARG A 254 20.74 -5.60 -4.00
CA ARG A 254 21.11 -5.65 -5.40
C ARG A 254 22.17 -4.60 -5.70
N LYS A 255 22.22 -3.57 -4.86
CA LYS A 255 23.19 -2.49 -5.02
C LYS A 255 24.56 -2.95 -4.50
N PRO A 256 25.64 -2.59 -5.23
CA PRO A 256 27.01 -2.98 -4.85
C PRO A 256 27.38 -2.65 -3.39
N GLU A 257 26.87 -1.55 -2.86
CA GLU A 257 27.16 -1.13 -1.50
C GLU A 257 26.84 -2.18 -0.44
N ALA A 258 25.91 -3.08 -0.74
CA ALA A 258 25.53 -4.11 0.22
C ALA A 258 26.63 -5.11 0.55
N CYS A 259 27.48 -5.43 -0.42
CA CYS A 259 28.58 -6.38 -0.23
C CYS A 259 29.86 -5.70 0.29
N ALA A 260 29.96 -4.40 0.06
CA ALA A 260 31.11 -3.56 0.43
C ALA A 260 31.79 -3.65 1.80
N THR A 261 31.03 -3.73 2.88
CA THR A 261 31.59 -3.79 4.23
C THR A 261 32.45 -5.04 4.50
N CYS A 262 32.06 -6.17 3.91
CA CYS A 262 32.79 -7.43 4.04
C CYS A 262 33.79 -7.64 2.91
N HIS A 263 33.35 -7.42 1.68
CA HIS A 263 34.21 -7.62 0.52
C HIS A 263 35.09 -6.44 0.13
N SER A 264 35.95 -6.07 1.07
CA SER A 264 36.88 -4.97 0.91
C SER A 264 38.12 -5.26 1.76
N GLY A 265 39.14 -4.41 1.65
CA GLY A 265 40.33 -4.60 2.45
C GLY A 265 41.58 -5.17 1.80
N VAL A 266 42.56 -5.48 2.65
CA VAL A 266 43.86 -5.99 2.22
C VAL A 266 43.97 -7.36 1.53
N ASP A 267 43.35 -8.40 2.09
CA ASP A 267 43.44 -9.73 1.51
C ASP A 267 42.48 -9.98 0.35
N HIS A 268 41.72 -8.95 0.00
CA HIS A 268 40.74 -8.97 -1.07
C HIS A 268 40.08 -7.61 -1.02
N ASN A 269 40.14 -6.90 -2.12
CA ASN A 269 39.55 -5.56 -2.16
C ASN A 269 38.57 -5.47 -3.31
N ASN A 270 37.67 -6.44 -3.36
CA ASN A 270 36.64 -6.50 -4.39
C ASN A 270 35.90 -5.17 -4.55
N TRP A 271 35.53 -4.57 -3.43
CA TRP A 271 34.81 -3.30 -3.43
C TRP A 271 35.58 -2.17 -4.10
N GLU A 272 36.87 -2.07 -3.77
CA GLU A 272 37.73 -1.04 -4.28
C GLU A 272 38.07 -1.25 -5.75
N ALA A 273 38.27 -2.49 -6.15
CA ALA A 273 38.60 -2.81 -7.53
C ALA A 273 37.39 -2.51 -8.40
N TYR A 274 36.24 -3.05 -8.00
CA TYR A 274 35.01 -2.83 -8.75
C TYR A 274 34.63 -1.35 -8.89
N THR A 275 34.53 -0.63 -7.78
CA THR A 275 34.18 0.78 -7.84
C THR A 275 35.09 1.60 -8.75
N MET A 276 36.35 1.18 -8.86
CA MET A 276 37.30 1.89 -9.71
C MET A 276 37.24 1.51 -11.18
N SER A 277 36.69 0.34 -11.47
CA SER A 277 36.60 -0.09 -12.86
C SER A 277 35.52 0.69 -13.60
N LYS A 278 35.52 0.58 -14.93
CA LYS A 278 34.51 1.26 -15.73
C LYS A 278 33.14 0.77 -15.33
N HIS A 279 33.00 -0.56 -15.21
CA HIS A 279 31.73 -1.17 -14.80
C HIS A 279 31.23 -0.45 -13.55
N GLY A 280 32.10 -0.39 -12.54
CA GLY A 280 31.77 0.24 -11.27
C GLY A 280 31.48 1.72 -11.33
N LYS A 281 32.29 2.47 -12.07
CA LYS A 281 32.08 3.90 -12.20
C LYS A 281 30.77 4.22 -12.88
N LEU A 282 30.45 3.46 -13.92
CA LEU A 282 29.21 3.62 -14.67
C LEU A 282 28.05 3.29 -13.74
N ALA A 283 28.28 2.35 -12.83
CA ALA A 283 27.26 1.97 -11.86
C ALA A 283 27.00 3.14 -10.90
N GLU A 284 28.01 3.96 -10.66
CA GLU A 284 27.84 5.11 -9.78
C GLU A 284 27.15 6.23 -10.54
N MET A 285 27.60 6.47 -11.75
CA MET A 285 27.03 7.52 -12.58
C MET A 285 25.60 7.25 -13.07
N ASN A 286 25.24 5.98 -13.24
CA ASN A 286 23.91 5.62 -13.73
C ASN A 286 22.98 4.98 -12.72
N ARG A 287 23.39 4.89 -11.46
CA ARG A 287 22.55 4.27 -10.44
C ARG A 287 21.16 4.93 -10.34
N ASP A 288 21.09 6.19 -10.73
CA ASP A 288 19.85 6.96 -10.69
C ASP A 288 18.88 6.71 -11.84
N LYS A 289 19.38 6.16 -12.95
CA LYS A 289 18.53 5.86 -14.10
C LYS A 289 18.10 4.40 -14.06
N TRP A 290 18.55 3.67 -13.05
CA TRP A 290 18.25 2.24 -12.89
C TRP A 290 17.16 1.97 -11.88
N ASN A 291 16.35 0.97 -12.17
CA ASN A 291 15.27 0.54 -11.27
C ASN A 291 15.79 -0.69 -10.54
N TRP A 292 16.24 -0.48 -9.31
CA TRP A 292 16.79 -1.52 -8.46
C TRP A 292 15.73 -2.43 -7.86
N GLU A 293 14.48 -2.03 -8.00
CA GLU A 293 13.37 -2.80 -7.47
C GLU A 293 13.09 -4.04 -8.33
N VAL A 294 13.48 -3.94 -9.60
CA VAL A 294 13.32 -5.03 -10.55
C VAL A 294 14.32 -6.15 -10.21
N ARG A 295 13.83 -7.38 -10.17
CA ARG A 295 14.69 -8.51 -9.87
C ARG A 295 15.80 -8.65 -10.90
N LEU A 296 16.92 -9.23 -10.47
CA LEU A 296 18.11 -9.45 -11.29
C LEU A 296 17.81 -9.98 -12.68
N LYS A 297 16.88 -10.92 -12.77
CA LYS A 297 16.47 -11.53 -14.03
C LYS A 297 16.02 -10.50 -15.09
N ASP A 298 15.39 -9.41 -14.65
CA ASP A 298 14.89 -8.39 -15.58
C ASP A 298 15.70 -7.08 -15.55
N ALA A 299 16.77 -7.06 -14.76
CA ALA A 299 17.62 -5.89 -14.61
C ALA A 299 18.15 -5.29 -15.91
N PHE A 300 18.78 -6.11 -16.73
CA PHE A 300 19.35 -5.64 -17.99
C PHE A 300 18.32 -5.26 -19.05
N SER A 301 17.04 -5.49 -18.79
CA SER A 301 16.00 -5.13 -19.74
C SER A 301 15.05 -4.11 -19.15
N LYS A 302 14.17 -4.55 -18.24
CA LYS A 302 13.21 -3.67 -17.58
C LYS A 302 13.86 -2.75 -16.56
N GLY A 303 15.00 -3.17 -16.00
CA GLY A 303 15.67 -2.37 -15.00
C GLY A 303 16.47 -1.23 -15.58
N GLY A 304 16.80 -1.36 -16.87
CA GLY A 304 17.57 -0.35 -17.58
C GLY A 304 19.07 -0.39 -17.32
N GLN A 305 19.48 -1.31 -16.46
CA GLN A 305 20.89 -1.48 -16.09
C GLN A 305 21.72 -1.88 -17.30
N ASN A 306 22.80 -1.14 -17.55
CA ASN A 306 23.68 -1.41 -18.68
C ASN A 306 25.14 -1.62 -18.26
N ALA A 307 25.35 -1.88 -16.97
CA ALA A 307 26.67 -2.11 -16.42
C ALA A 307 26.49 -3.22 -15.37
N PRO A 308 27.45 -4.15 -15.27
CA PRO A 308 27.33 -5.23 -14.29
C PRO A 308 27.55 -4.77 -12.86
N THR A 309 27.07 -5.56 -11.93
CA THR A 309 27.22 -5.25 -10.52
C THR A 309 27.63 -6.55 -9.81
N CYS A 310 27.95 -6.47 -8.52
CA CYS A 310 28.37 -7.65 -7.77
C CYS A 310 27.36 -8.78 -7.85
N ALA A 311 26.10 -8.48 -7.55
CA ALA A 311 25.02 -9.48 -7.57
C ALA A 311 24.65 -10.00 -8.94
N ALA A 312 24.57 -9.10 -9.92
CA ALA A 312 24.23 -9.48 -11.29
C ALA A 312 25.18 -10.55 -11.81
N CYS A 313 26.48 -10.32 -11.59
CA CYS A 313 27.53 -11.23 -12.04
C CYS A 313 27.66 -12.50 -11.20
N HIS A 314 27.67 -12.33 -9.89
CA HIS A 314 27.84 -13.47 -9.00
C HIS A 314 26.66 -14.33 -8.66
N MET A 315 25.45 -13.82 -8.85
CA MET A 315 24.27 -14.63 -8.55
C MET A 315 23.68 -15.30 -9.78
N GLU A 316 24.27 -15.01 -10.93
CA GLU A 316 23.82 -15.58 -12.20
C GLU A 316 24.68 -16.78 -12.56
N TYR A 317 24.03 -17.87 -12.96
CA TYR A 317 24.78 -19.05 -13.35
C TYR A 317 24.65 -19.25 -14.86
N GLU A 318 23.57 -19.89 -15.28
CA GLU A 318 23.38 -20.10 -16.71
C GLU A 318 22.08 -19.46 -17.16
N GLY A 319 21.90 -18.19 -16.79
CA GLY A 319 20.68 -17.50 -17.15
C GLY A 319 19.77 -17.43 -15.94
N GLU A 320 19.98 -18.35 -15.00
CA GLU A 320 19.20 -18.39 -13.78
C GLU A 320 19.91 -17.58 -12.72
N TYR A 321 19.16 -17.05 -11.77
CA TYR A 321 19.70 -16.26 -10.68
C TYR A 321 19.26 -16.98 -9.43
N THR A 322 20.21 -17.26 -8.55
CA THR A 322 19.92 -17.99 -7.33
C THR A 322 20.69 -17.33 -6.19
N HIS A 323 20.51 -17.85 -4.97
CA HIS A 323 21.21 -17.33 -3.78
C HIS A 323 22.50 -18.08 -3.54
N ASN A 324 22.73 -19.09 -4.37
CA ASN A 324 23.94 -19.90 -4.33
C ASN A 324 24.95 -19.14 -5.21
N ILE A 325 26.06 -18.73 -4.62
CA ILE A 325 27.10 -17.98 -5.34
C ILE A 325 28.41 -18.74 -5.53
N THR A 326 28.36 -20.07 -5.52
CA THR A 326 29.55 -20.88 -5.65
C THR A 326 29.86 -21.46 -7.03
N ARG A 327 28.81 -21.87 -7.74
CA ARG A 327 28.90 -22.48 -9.06
C ARG A 327 29.94 -22.02 -10.10
N LYS A 328 30.52 -20.84 -9.94
CA LYS A 328 31.50 -20.35 -10.92
C LYS A 328 32.89 -20.02 -10.37
N THR A 329 33.16 -20.46 -9.14
CA THR A 329 34.43 -20.20 -8.49
C THR A 329 35.62 -21.04 -9.00
N ARG A 330 36.56 -20.36 -9.64
CA ARG A 330 37.77 -21.01 -10.14
C ARG A 330 38.89 -20.63 -9.17
N TRP A 331 39.45 -19.42 -9.28
CA TRP A 331 40.47 -19.01 -8.30
C TRP A 331 39.57 -18.72 -7.10
N ALA A 332 39.91 -19.19 -5.91
CA ALA A 332 39.03 -18.87 -4.78
C ALA A 332 39.52 -17.66 -3.99
N ASN A 333 40.06 -16.68 -4.71
CA ASN A 333 40.63 -15.43 -4.17
C ASN A 333 42.14 -15.49 -3.94
N TYR A 334 42.61 -16.54 -3.27
CA TYR A 334 44.03 -16.70 -3.00
C TYR A 334 44.70 -17.65 -3.98
N PRO A 335 45.43 -17.09 -4.96
CA PRO A 335 46.15 -17.82 -6.02
C PRO A 335 47.31 -18.71 -5.53
N PHE A 336 47.89 -18.38 -4.39
CA PHE A 336 49.01 -19.14 -3.85
C PHE A 336 48.61 -20.48 -3.23
N VAL A 337 47.33 -20.67 -2.94
CA VAL A 337 46.86 -21.93 -2.35
C VAL A 337 47.26 -23.10 -3.25
N PRO A 338 47.75 -24.19 -2.65
CA PRO A 338 48.20 -25.40 -3.36
C PRO A 338 47.15 -25.95 -4.30
N GLY A 339 47.62 -26.43 -5.44
CA GLY A 339 46.74 -27.01 -6.44
C GLY A 339 45.66 -26.13 -7.04
N ILE A 340 45.72 -24.82 -6.82
CA ILE A 340 44.72 -23.93 -7.41
C ILE A 340 45.22 -23.59 -8.80
N ALA A 341 46.38 -22.95 -8.89
CA ALA A 341 46.97 -22.58 -10.17
C ALA A 341 46.99 -23.83 -11.02
N GLU A 342 47.59 -24.87 -10.45
CA GLU A 342 47.73 -26.17 -11.10
C GLU A 342 46.42 -26.68 -11.69
N ASN A 343 45.32 -26.36 -11.04
CA ASN A 343 44.00 -26.82 -11.47
C ASN A 343 43.36 -25.92 -12.53
N ILE A 344 43.91 -24.73 -12.72
CA ILE A 344 43.37 -23.75 -13.66
C ILE A 344 43.13 -24.19 -15.12
N THR A 345 43.64 -25.34 -15.50
CA THR A 345 43.47 -25.81 -16.87
C THR A 345 42.65 -27.08 -16.94
N SER A 346 42.03 -27.44 -15.81
CA SER A 346 41.22 -28.64 -15.74
C SER A 346 39.89 -28.40 -16.46
N ASP A 347 39.25 -29.48 -16.91
CA ASP A 347 37.95 -29.38 -17.58
C ASP A 347 36.94 -28.74 -16.64
N TRP A 348 37.23 -28.89 -15.34
CA TRP A 348 36.41 -28.34 -14.26
C TRP A 348 36.47 -26.82 -14.39
N SER A 349 37.68 -26.29 -14.46
CA SER A 349 37.89 -24.85 -14.62
C SER A 349 37.37 -24.38 -15.96
N GLU A 350 37.74 -25.10 -17.01
CA GLU A 350 37.33 -24.79 -18.38
C GLU A 350 35.82 -24.59 -18.45
N ALA A 351 35.08 -25.51 -17.85
CA ALA A 351 33.63 -25.47 -17.83
C ALA A 351 33.07 -24.27 -17.04
N ARG A 352 33.84 -23.78 -16.07
CA ARG A 352 33.41 -22.64 -15.28
C ARG A 352 33.78 -21.37 -16.03
N LEU A 353 34.83 -21.44 -16.82
CA LEU A 353 35.27 -20.29 -17.62
C LEU A 353 34.17 -20.06 -18.64
N ASP A 354 33.66 -21.15 -19.21
CA ASP A 354 32.58 -21.06 -20.18
C ASP A 354 31.35 -20.38 -19.56
N SER A 355 31.07 -20.70 -18.29
CA SER A 355 29.96 -20.11 -17.55
C SER A 355 30.16 -18.60 -17.39
N TRP A 356 31.41 -18.18 -17.23
CA TRP A 356 31.73 -16.75 -17.07
C TRP A 356 31.63 -15.99 -18.37
N VAL A 357 31.93 -16.66 -19.48
CA VAL A 357 31.83 -16.02 -20.80
C VAL A 357 30.34 -15.79 -21.05
N LEU A 358 29.54 -16.77 -20.65
CA LEU A 358 28.09 -16.73 -20.78
C LEU A 358 27.56 -15.50 -20.05
N THR A 359 28.27 -15.06 -19.01
CA THR A 359 27.87 -13.88 -18.25
C THR A 359 28.33 -12.59 -18.94
N CYS A 360 29.54 -12.59 -19.50
CA CYS A 360 30.05 -11.40 -20.14
C CYS A 360 29.39 -11.15 -21.47
N THR A 361 28.96 -12.23 -22.12
CA THR A 361 28.34 -12.14 -23.45
C THR A 361 26.94 -11.53 -23.54
N GLN A 362 26.39 -11.10 -22.42
CA GLN A 362 25.08 -10.46 -22.42
C GLN A 362 25.31 -9.05 -22.98
N CYS A 363 26.57 -8.60 -22.90
CA CYS A 363 26.97 -7.29 -23.36
C CYS A 363 28.11 -7.32 -24.37
N HIS A 364 29.26 -7.85 -23.97
CA HIS A 364 30.44 -7.92 -24.85
C HIS A 364 30.43 -9.09 -25.82
N SER A 365 31.35 -9.07 -26.79
CA SER A 365 31.49 -10.17 -27.75
C SER A 365 32.27 -11.28 -27.04
N GLU A 366 32.01 -12.52 -27.41
CA GLU A 366 32.72 -13.63 -26.77
C GLU A 366 34.21 -13.51 -26.97
N ARG A 367 34.60 -13.11 -28.17
CA ARG A 367 36.00 -12.93 -28.53
C ARG A 367 36.60 -11.96 -27.52
N PHE A 368 35.89 -10.88 -27.25
CA PHE A 368 36.34 -9.85 -26.31
C PHE A 368 36.40 -10.40 -24.88
N ALA A 369 35.35 -11.10 -24.45
CA ALA A 369 35.30 -11.67 -23.12
C ALA A 369 36.43 -12.67 -22.89
N ARG A 370 36.68 -13.53 -23.88
CA ARG A 370 37.73 -14.52 -23.81
C ARG A 370 39.12 -13.90 -23.86
N SER A 371 39.24 -12.76 -24.53
CA SER A 371 40.51 -12.05 -24.60
C SER A 371 40.94 -11.55 -23.23
N TYR A 372 40.00 -11.05 -22.44
CA TYR A 372 40.30 -10.54 -21.12
C TYR A 372 40.45 -11.60 -20.02
N LEU A 373 39.60 -12.60 -20.02
CA LEU A 373 39.66 -13.65 -19.00
C LEU A 373 40.98 -14.39 -19.09
N ASP A 374 41.50 -14.50 -20.32
CA ASP A 374 42.78 -15.15 -20.58
C ASP A 374 43.91 -14.35 -19.93
N LEU A 375 43.83 -13.04 -20.04
CA LEU A 375 44.80 -12.11 -19.47
C LEU A 375 44.71 -12.19 -17.95
N MET A 376 43.49 -12.36 -17.45
CA MET A 376 43.25 -12.45 -16.02
C MET A 376 44.03 -13.63 -15.44
N ASP A 377 44.01 -14.76 -16.15
CA ASP A 377 44.70 -15.98 -15.73
C ASP A 377 46.22 -15.90 -15.82
N LYS A 378 46.73 -15.60 -17.00
CA LYS A 378 48.16 -15.49 -17.21
C LYS A 378 48.76 -14.37 -16.34
N GLY A 379 47.95 -13.34 -16.09
CA GLY A 379 48.40 -12.24 -15.25
C GLY A 379 48.52 -12.64 -13.80
N THR A 380 47.63 -13.52 -13.35
CA THR A 380 47.64 -14.00 -11.97
C THR A 380 48.82 -14.94 -11.77
N LEU A 381 49.19 -15.68 -12.82
CA LEU A 381 50.31 -16.60 -12.76
C LEU A 381 51.67 -15.88 -12.72
N GLU A 382 51.70 -14.68 -13.31
CA GLU A 382 52.89 -13.85 -13.31
C GLU A 382 53.14 -13.23 -11.95
N GLY A 383 52.06 -12.94 -11.23
CA GLY A 383 52.18 -12.37 -9.91
C GLY A 383 52.50 -13.48 -8.94
N LEU A 384 51.97 -14.67 -9.22
CA LEU A 384 52.19 -15.86 -8.40
C LEU A 384 53.68 -16.25 -8.43
N ALA A 385 54.22 -16.32 -9.64
CA ALA A 385 55.62 -16.67 -9.86
C ALA A 385 56.57 -15.76 -9.08
N LYS A 386 56.27 -14.46 -9.05
CA LYS A 386 57.09 -13.48 -8.34
C LYS A 386 57.09 -13.80 -6.84
N TYR A 387 55.94 -14.20 -6.33
CA TYR A 387 55.84 -14.54 -4.93
C TYR A 387 56.73 -15.74 -4.65
N GLN A 388 56.59 -16.79 -5.46
CA GLN A 388 57.35 -18.03 -5.31
C GLN A 388 58.87 -17.83 -5.33
N GLU A 389 59.35 -16.84 -6.06
CA GLU A 389 60.77 -16.55 -6.12
C GLU A 389 61.22 -16.04 -4.76
N ALA A 390 60.53 -15.03 -4.26
CA ALA A 390 60.86 -14.46 -2.95
C ALA A 390 60.65 -15.51 -1.85
N ASN A 391 59.59 -16.30 -1.99
CA ASN A 391 59.29 -17.33 -1.00
C ASN A 391 60.41 -18.37 -0.95
N ALA A 392 60.90 -18.77 -2.11
CA ALA A 392 61.97 -19.74 -2.19
C ALA A 392 63.16 -19.35 -1.30
N ILE A 393 63.47 -18.05 -1.32
CA ILE A 393 64.57 -17.50 -0.53
C ILE A 393 64.30 -17.62 0.97
N VAL A 394 63.32 -16.86 1.47
CA VAL A 394 62.98 -16.86 2.90
C VAL A 394 62.69 -18.26 3.49
N HIS A 395 62.19 -19.16 2.66
CA HIS A 395 61.91 -20.51 3.13
C HIS A 395 63.20 -21.25 3.50
N LYS A 396 64.23 -21.13 2.67
CA LYS A 396 65.50 -21.78 2.97
C LYS A 396 66.08 -21.14 4.22
N MET A 397 65.99 -19.82 4.33
CA MET A 397 66.49 -19.11 5.50
C MET A 397 65.88 -19.76 6.74
N TYR A 398 64.70 -20.31 6.58
CA TYR A 398 64.03 -20.99 7.68
C TYR A 398 64.69 -22.36 7.84
N GLU A 399 64.80 -23.09 6.74
CA GLU A 399 65.40 -24.42 6.77
C GLU A 399 66.79 -24.39 7.39
N ASP A 400 67.50 -23.28 7.20
CA ASP A 400 68.85 -23.13 7.72
C ASP A 400 68.92 -22.48 9.09
N GLY A 401 67.76 -22.29 9.72
CA GLY A 401 67.72 -21.69 11.04
C GLY A 401 68.29 -20.28 11.08
N THR A 402 68.31 -19.59 9.96
CA THR A 402 68.88 -18.25 9.91
C THR A 402 67.93 -17.06 10.00
N LEU A 403 66.67 -17.30 10.33
CA LEU A 403 65.73 -16.18 10.48
C LEU A 403 66.09 -15.49 11.78
N THR A 404 65.93 -14.17 11.83
CA THR A 404 66.25 -13.41 13.03
C THR A 404 65.51 -13.98 14.26
N GLY A 405 66.29 -14.36 15.27
CA GLY A 405 65.75 -14.91 16.51
C GLY A 405 65.13 -16.30 16.44
N GLN A 406 65.31 -16.98 15.31
CA GLN A 406 64.76 -18.32 15.09
C GLN A 406 65.24 -19.36 16.09
N LYS A 407 66.50 -19.23 16.47
CA LYS A 407 67.16 -20.16 17.38
C LYS A 407 67.03 -19.72 18.83
N THR A 408 66.91 -18.41 19.01
CA THR A 408 66.83 -17.85 20.33
C THR A 408 65.46 -17.31 20.75
N ASN A 409 65.09 -16.16 20.20
CA ASN A 409 63.85 -15.49 20.57
C ASN A 409 62.66 -15.66 19.63
N ARG A 410 62.14 -16.88 19.51
CA ARG A 410 61.00 -17.14 18.64
C ARG A 410 59.97 -17.93 19.44
N PRO A 411 59.25 -17.27 20.35
CA PRO A 411 58.23 -17.91 21.19
C PRO A 411 57.20 -18.72 20.40
N ASN A 412 56.75 -19.82 20.98
CA ASN A 412 55.76 -20.70 20.34
C ASN A 412 54.37 -20.02 20.26
N PRO A 413 53.56 -20.37 19.24
CA PRO A 413 52.22 -19.80 19.08
C PRO A 413 51.23 -20.37 20.10
N PRO A 414 50.13 -19.65 20.36
CA PRO A 414 49.10 -20.09 21.32
C PRO A 414 48.31 -21.33 20.88
N GLU A 415 48.05 -22.21 21.85
CA GLU A 415 47.29 -23.45 21.64
C GLU A 415 45.85 -23.18 21.15
N PRO A 416 45.29 -24.10 20.33
CA PRO A 416 45.91 -25.33 19.85
C PRO A 416 46.84 -25.19 18.64
N GLU A 417 47.34 -23.99 18.38
CA GLU A 417 48.21 -23.79 17.24
C GLU A 417 49.63 -24.33 17.46
N LYS A 418 50.15 -25.00 16.42
CA LYS A 418 51.49 -25.56 16.43
C LYS A 418 52.44 -24.67 15.60
N PRO A 419 53.70 -24.56 16.04
CA PRO A 419 54.76 -23.76 15.40
C PRO A 419 54.98 -24.14 13.94
N GLY A 420 55.51 -23.19 13.16
CA GLY A 420 55.78 -23.40 11.75
C GLY A 420 56.26 -22.13 11.07
N PHE A 421 56.42 -22.19 9.76
CA PHE A 421 56.88 -21.05 8.99
C PHE A 421 55.73 -20.50 8.17
N GLY A 422 55.62 -19.17 8.14
CA GLY A 422 54.59 -18.48 7.37
C GLY A 422 53.16 -18.88 7.64
N ILE A 423 52.76 -18.93 8.90
CA ILE A 423 51.39 -19.31 9.22
C ILE A 423 50.45 -18.11 9.39
N PHE A 424 49.19 -18.32 9.05
CA PHE A 424 48.16 -17.28 9.14
C PHE A 424 48.16 -16.57 10.50
N THR A 425 48.41 -17.36 11.54
CA THR A 425 48.46 -16.88 12.92
C THR A 425 49.47 -15.75 13.06
N GLN A 426 50.47 -15.75 12.20
CA GLN A 426 51.49 -14.71 12.25
C GLN A 426 50.96 -13.36 11.77
N LEU A 427 49.80 -13.40 11.13
CA LEU A 427 49.17 -12.17 10.67
C LEU A 427 48.34 -11.56 11.80
N PHE A 428 48.07 -12.34 12.85
CA PHE A 428 47.27 -11.86 13.99
C PHE A 428 47.89 -12.06 15.37
N TRP A 429 49.06 -12.67 15.42
CA TRP A 429 49.74 -12.91 16.67
C TRP A 429 51.22 -12.71 16.44
N SER A 430 51.87 -12.02 17.37
CA SER A 430 53.29 -11.79 17.30
C SER A 430 53.82 -11.71 18.72
N LYS A 431 55.05 -12.18 18.90
CA LYS A 431 55.71 -12.20 20.20
C LYS A 431 57.19 -12.34 19.92
N GLY A 432 57.97 -11.37 20.36
CA GLY A 432 59.40 -11.45 20.13
C GLY A 432 59.69 -11.54 18.65
N ASN A 433 60.47 -12.53 18.26
CA ASN A 433 60.83 -12.70 16.85
C ASN A 433 59.94 -13.70 16.12
N ASN A 434 58.72 -13.90 16.61
CA ASN A 434 57.78 -14.78 15.94
C ASN A 434 56.48 -14.03 15.61
N PRO A 435 56.25 -13.72 14.32
CA PRO A 435 57.11 -14.02 13.18
C PRO A 435 58.31 -13.07 13.02
N ALA A 436 59.24 -13.44 12.14
CA ALA A 436 60.43 -12.61 11.84
C ALA A 436 60.09 -11.69 10.68
N SER A 437 60.57 -10.45 10.74
CA SER A 437 60.32 -9.46 9.70
C SER A 437 60.26 -10.03 8.28
N LEU A 438 61.30 -10.76 7.85
CA LEU A 438 61.32 -11.33 6.50
C LEU A 438 60.21 -12.33 6.27
N GLU A 439 59.78 -12.99 7.34
CA GLU A 439 58.71 -13.98 7.26
C GLU A 439 57.38 -13.28 7.01
N LEU A 440 57.13 -12.23 7.78
CA LEU A 440 55.90 -11.45 7.66
C LEU A 440 55.85 -10.83 6.26
N LYS A 441 57.01 -10.44 5.75
CA LYS A 441 57.09 -9.87 4.42
C LYS A 441 56.67 -10.84 3.32
N VAL A 442 57.24 -12.04 3.33
CA VAL A 442 56.92 -13.03 2.32
C VAL A 442 55.48 -13.49 2.50
N LEU A 443 54.99 -13.39 3.73
CA LEU A 443 53.62 -13.79 4.05
C LEU A 443 52.64 -12.78 3.44
N GLU A 444 52.76 -11.51 3.81
CA GLU A 444 51.86 -10.48 3.30
C GLU A 444 51.95 -10.29 1.80
N MET A 445 53.03 -10.76 1.22
CA MET A 445 53.22 -10.67 -0.21
C MET A 445 52.17 -11.54 -0.87
N GLY A 446 51.94 -12.72 -0.30
CA GLY A 446 50.94 -13.63 -0.85
C GLY A 446 49.52 -13.36 -0.39
N GLU A 447 49.32 -13.26 0.92
CA GLU A 447 48.01 -13.02 1.51
C GLU A 447 47.38 -11.68 1.21
N ASN A 448 48.19 -10.65 1.02
CA ASN A 448 47.67 -9.31 0.73
C ASN A 448 47.88 -8.87 -0.72
N ASN A 449 49.13 -8.59 -1.08
CA ASN A 449 49.47 -8.10 -2.41
C ASN A 449 49.16 -8.98 -3.60
N LEU A 450 49.48 -10.25 -3.48
CA LEU A 450 49.22 -11.20 -4.57
C LEU A 450 47.70 -11.39 -4.69
N ALA A 451 47.03 -11.43 -3.54
CA ALA A 451 45.58 -11.59 -3.48
C ALA A 451 44.93 -10.39 -4.16
N LYS A 452 45.37 -9.19 -3.81
CA LYS A 452 44.83 -7.97 -4.39
C LYS A 452 45.17 -7.85 -5.87
N MET A 453 46.29 -8.45 -6.28
CA MET A 453 46.67 -8.39 -7.69
C MET A 453 45.59 -9.12 -8.48
N HIS A 454 45.23 -10.31 -8.01
CA HIS A 454 44.18 -11.08 -8.66
C HIS A 454 42.87 -10.31 -8.68
N VAL A 455 42.39 -9.89 -7.52
CA VAL A 455 41.14 -9.14 -7.42
C VAL A 455 41.10 -8.00 -8.43
N GLY A 456 42.21 -7.29 -8.57
CA GLY A 456 42.26 -6.19 -9.51
C GLY A 456 42.05 -6.69 -10.91
N LEU A 457 42.71 -7.80 -11.24
CA LEU A 457 42.61 -8.39 -12.57
C LEU A 457 41.19 -8.89 -12.83
N ALA A 458 40.61 -9.57 -11.86
CA ALA A 458 39.27 -10.12 -12.00
C ALA A 458 38.19 -9.03 -12.10
N HIS A 459 38.49 -7.85 -11.56
CA HIS A 459 37.51 -6.77 -11.58
C HIS A 459 37.92 -5.57 -12.42
N VAL A 460 38.50 -5.86 -13.57
CA VAL A 460 38.96 -4.87 -14.54
C VAL A 460 39.38 -3.51 -13.99
N ASN A 461 40.35 -3.51 -13.08
CA ASN A 461 40.88 -2.27 -12.54
C ASN A 461 42.38 -2.28 -12.84
N PRO A 462 42.80 -1.61 -13.94
CA PRO A 462 44.19 -1.51 -14.41
C PRO A 462 45.21 -1.21 -13.32
N GLY A 463 45.07 -0.06 -12.65
CA GLY A 463 46.01 0.31 -11.60
C GLY A 463 46.00 -0.61 -10.40
N GLY A 464 44.95 -1.41 -10.29
CA GLY A 464 44.78 -2.33 -9.18
C GLY A 464 45.66 -3.57 -9.22
N TRP A 465 46.25 -3.85 -10.37
CA TRP A 465 47.14 -4.97 -10.49
C TRP A 465 48.50 -4.49 -10.96
N THR A 466 48.58 -3.23 -11.37
CA THR A 466 49.85 -2.66 -11.84
C THR A 466 50.55 -1.80 -10.77
N TYR A 467 50.49 -0.48 -10.91
CA TYR A 467 51.11 0.47 -10.00
C TYR A 467 50.58 0.44 -8.57
N THR A 468 49.36 0.94 -8.40
CA THR A 468 48.71 1.04 -7.10
C THR A 468 48.67 -0.23 -6.25
N GLU A 469 48.20 -1.33 -6.83
CA GLU A 469 48.10 -2.59 -6.10
C GLU A 469 48.77 -3.71 -6.88
N GLY A 470 48.98 -4.84 -6.21
CA GLY A 470 49.57 -6.00 -6.84
C GLY A 470 51.04 -5.87 -7.17
N TRP A 471 51.35 -5.75 -8.46
CA TRP A 471 52.74 -5.68 -8.94
C TRP A 471 53.61 -4.67 -8.20
N GLY A 472 53.14 -3.44 -8.09
CA GLY A 472 53.89 -2.39 -7.41
C GLY A 472 54.32 -2.81 -6.03
N PRO A 473 53.38 -3.14 -5.14
CA PRO A 473 53.72 -3.55 -3.79
C PRO A 473 54.60 -4.81 -3.77
N MET A 474 54.28 -5.79 -4.61
CA MET A 474 55.05 -7.03 -4.68
C MET A 474 56.49 -6.82 -5.14
N ASN A 475 56.69 -5.85 -6.02
CA ASN A 475 58.00 -5.53 -6.54
C ASN A 475 58.83 -5.01 -5.37
N ARG A 476 58.19 -4.25 -4.48
CA ARG A 476 58.88 -3.70 -3.32
C ARG A 476 59.26 -4.79 -2.34
N ALA A 477 58.31 -5.68 -2.07
CA ALA A 477 58.54 -6.79 -1.15
C ALA A 477 59.72 -7.63 -1.57
N TYR A 478 59.76 -8.01 -2.85
CA TYR A 478 60.83 -8.82 -3.43
C TYR A 478 62.18 -8.13 -3.26
N VAL A 479 62.22 -6.84 -3.58
CA VAL A 479 63.41 -6.01 -3.48
C VAL A 479 63.93 -5.95 -2.05
N GLU A 480 63.03 -5.65 -1.11
CA GLU A 480 63.43 -5.54 0.28
C GLU A 480 63.86 -6.89 0.86
N ILE A 481 63.18 -7.96 0.49
CA ILE A 481 63.54 -9.31 0.94
C ILE A 481 64.97 -9.59 0.44
N GLN A 482 65.20 -9.33 -0.84
CA GLN A 482 66.50 -9.54 -1.46
C GLN A 482 67.55 -8.73 -0.73
N ASP A 483 67.28 -7.44 -0.61
CA ASP A 483 68.18 -6.52 0.04
C ASP A 483 68.54 -6.94 1.47
N GLU A 484 67.62 -7.63 2.15
CA GLU A 484 67.89 -8.08 3.51
C GLU A 484 68.74 -9.36 3.50
N TYR A 485 68.41 -10.27 2.60
CA TYR A 485 69.14 -11.53 2.45
C TYR A 485 70.64 -11.29 2.28
N THR A 486 70.99 -10.34 1.41
CA THR A 486 72.39 -10.02 1.15
C THR A 486 73.07 -9.40 2.37
N LYS A 487 72.36 -8.53 3.10
CA LYS A 487 72.93 -7.89 4.27
C LYS A 487 73.24 -8.91 5.34
N MET A 488 72.33 -9.86 5.52
CA MET A 488 72.51 -10.91 6.51
C MET A 488 73.65 -11.81 6.06
N GLN A 489 73.76 -11.97 4.76
CA GLN A 489 74.81 -12.80 4.20
C GLN A 489 76.19 -12.18 4.43
N GLU A 490 76.29 -10.86 4.37
CA GLU A 490 77.58 -10.20 4.59
C GLU A 490 77.91 -10.09 6.09
N LEU A 491 76.86 -10.02 6.90
CA LEU A 491 77.02 -9.92 8.33
C LEU A 491 77.62 -11.23 8.86
N SER A 492 77.11 -12.35 8.37
CA SER A 492 77.60 -13.66 8.80
C SER A 492 79.05 -13.88 8.41
N ALA A 493 79.44 -13.38 7.24
CA ALA A 493 80.81 -13.48 6.76
C ALA A 493 81.75 -12.90 7.83
N LEU A 494 81.50 -11.64 8.18
CA LEU A 494 82.29 -10.94 9.20
C LEU A 494 82.22 -11.68 10.55
N GLN A 495 81.09 -12.34 10.78
CA GLN A 495 80.88 -13.10 12.00
C GLN A 495 81.96 -14.17 12.09
N ALA A 496 81.98 -15.05 11.08
CA ALA A 496 82.95 -16.14 11.02
C ALA A 496 84.38 -15.61 11.16
N ARG A 497 84.70 -14.54 10.43
CA ARG A 497 86.03 -13.96 10.50
C ARG A 497 86.41 -13.72 11.96
N VAL A 498 85.48 -13.22 12.77
CA VAL A 498 85.76 -12.97 14.17
C VAL A 498 85.71 -14.31 14.92
N ASN A 499 84.81 -15.18 14.47
CA ASN A 499 84.61 -16.51 15.06
C ASN A 499 83.53 -17.22 14.26
N ASP B 1 -21.55 7.12 22.39
CA ASP B 1 -21.77 8.55 22.03
C ASP B 1 -21.00 8.94 20.78
N ILE B 2 -21.68 9.53 19.80
CA ILE B 2 -21.01 10.02 18.60
C ILE B 2 -21.20 11.52 18.71
N SER B 3 -20.08 12.24 18.84
CA SER B 3 -20.09 13.69 19.01
C SER B 3 -20.69 14.49 17.86
N THR B 4 -20.75 13.88 16.68
CA THR B 4 -21.28 14.56 15.52
C THR B 4 -22.78 14.35 15.31
N VAL B 5 -23.37 13.39 16.03
CA VAL B 5 -24.79 13.12 15.94
C VAL B 5 -25.43 13.98 17.04
N PRO B 6 -26.36 14.87 16.65
CA PRO B 6 -27.04 15.75 17.62
C PRO B 6 -28.02 15.03 18.53
N ASP B 7 -28.19 15.62 19.72
CA ASP B 7 -29.09 15.10 20.74
C ASP B 7 -30.48 14.78 20.20
N GLU B 8 -30.96 15.61 19.27
CA GLU B 8 -32.27 15.43 18.65
C GLU B 8 -32.50 13.98 18.24
N THR B 9 -31.45 13.38 17.64
CA THR B 9 -31.50 12.00 17.18
C THR B 9 -31.59 11.02 18.33
N TYR B 10 -30.72 11.20 19.32
CA TYR B 10 -30.69 10.32 20.49
C TYR B 10 -32.03 10.35 21.22
N ASP B 11 -32.55 11.56 21.44
CA ASP B 11 -33.85 11.75 22.10
C ASP B 11 -34.93 11.03 21.30
N ALA B 12 -34.99 11.30 20.00
CA ALA B 12 -35.98 10.67 19.12
C ALA B 12 -35.93 9.15 19.19
N LEU B 13 -34.74 8.59 19.26
CA LEU B 13 -34.55 7.13 19.35
C LEU B 13 -34.65 6.72 20.82
N LYS B 14 -34.58 7.72 21.69
CA LYS B 14 -34.65 7.55 23.14
C LYS B 14 -33.54 6.64 23.67
N LEU B 15 -32.30 7.02 23.37
CA LEU B 15 -31.12 6.30 23.83
C LEU B 15 -30.33 7.30 24.63
N ASP B 16 -29.57 6.83 25.61
CA ASP B 16 -28.74 7.74 26.39
C ASP B 16 -27.50 8.00 25.55
N ARG B 17 -27.26 9.27 25.25
CA ARG B 17 -26.13 9.71 24.43
C ARG B 17 -24.85 9.10 24.94
N GLY B 18 -24.47 9.49 26.15
CA GLY B 18 -23.25 8.97 26.75
C GLY B 18 -23.66 7.77 27.58
N LYS B 19 -23.81 6.63 26.92
CA LYS B 19 -24.21 5.40 27.58
C LYS B 19 -24.45 4.37 26.49
N ALA B 20 -25.23 4.75 25.48
CA ALA B 20 -25.56 3.87 24.37
C ALA B 20 -24.30 3.40 23.64
N THR B 21 -24.25 2.08 23.39
CA THR B 21 -23.11 1.46 22.72
C THR B 21 -23.30 1.38 21.21
N PRO B 22 -22.19 1.20 20.45
CA PRO B 22 -22.23 1.10 19.00
C PRO B 22 -23.26 0.09 18.51
N LYS B 23 -23.32 -1.07 19.16
CA LYS B 23 -24.27 -2.11 18.78
C LYS B 23 -25.71 -1.66 19.07
N GLU B 24 -25.92 -1.10 20.26
CA GLU B 24 -27.24 -0.64 20.69
C GLU B 24 -27.77 0.51 19.84
N THR B 25 -26.89 1.46 19.50
CA THR B 25 -27.24 2.63 18.69
C THR B 25 -27.56 2.24 17.25
N TYR B 26 -26.72 1.38 16.68
CA TYR B 26 -26.91 0.92 15.31
C TYR B 26 -28.23 0.17 15.22
N GLU B 27 -28.48 -0.69 16.19
CA GLU B 27 -29.69 -1.49 16.19
C GLU B 27 -30.93 -0.61 16.26
N ALA B 28 -30.88 0.41 17.11
CA ALA B 28 -31.99 1.35 17.25
C ALA B 28 -32.24 2.00 15.89
N LEU B 29 -31.20 2.62 15.33
CA LEU B 29 -31.26 3.29 14.03
C LEU B 29 -31.84 2.42 12.93
N VAL B 30 -31.43 1.15 12.87
CA VAL B 30 -31.89 0.26 11.82
C VAL B 30 -33.32 -0.16 12.01
N LYS B 31 -33.85 -0.04 13.21
CA LYS B 31 -35.25 -0.40 13.43
C LYS B 31 -36.08 0.61 12.64
N ARG B 32 -35.79 1.89 12.89
CA ARG B 32 -36.48 3.00 12.24
C ARG B 32 -36.30 2.97 10.73
N TYR B 33 -35.04 2.85 10.31
CA TYR B 33 -34.66 2.80 8.90
C TYR B 33 -35.43 1.72 8.14
N LYS B 34 -35.73 0.61 8.81
CA LYS B 34 -36.46 -0.48 8.18
C LYS B 34 -37.97 -0.41 8.39
N ASP B 35 -38.41 0.47 9.30
CA ASP B 35 -39.84 0.60 9.60
C ASP B 35 -40.66 1.34 8.54
N PRO B 36 -41.68 0.67 7.97
CA PRO B 36 -42.54 1.25 6.95
C PRO B 36 -43.17 2.56 7.42
N ALA B 37 -43.57 2.59 8.69
CA ALA B 37 -44.18 3.78 9.28
C ALA B 37 -43.28 5.00 9.17
N HIS B 38 -42.01 4.76 8.84
CA HIS B 38 -41.05 5.85 8.70
C HIS B 38 -40.56 6.12 7.30
N GLY B 39 -41.00 5.34 6.31
CA GLY B 39 -40.57 5.58 4.95
C GLY B 39 -40.14 4.35 4.15
N ALA B 40 -40.03 3.21 4.81
CA ALA B 40 -39.62 1.99 4.14
C ALA B 40 -40.81 1.28 3.49
N GLY B 41 -40.54 0.46 2.48
CA GLY B 41 -41.61 -0.26 1.79
C GLY B 41 -41.91 0.33 0.43
N LYS B 42 -43.19 0.41 0.07
CA LYS B 42 -43.58 0.96 -1.22
C LYS B 42 -44.32 2.28 -1.08
N GLY B 43 -44.42 2.77 0.15
CA GLY B 43 -45.11 4.02 0.40
C GLY B 43 -46.61 3.82 0.48
N THR B 44 -47.35 4.92 0.62
CA THR B 44 -48.81 4.87 0.70
C THR B 44 -49.43 4.33 -0.57
N MET B 45 -48.93 4.78 -1.72
CA MET B 45 -49.50 4.36 -3.00
C MET B 45 -48.90 3.11 -3.62
N GLY B 46 -48.41 2.19 -2.78
CA GLY B 46 -47.83 0.96 -3.31
C GLY B 46 -48.77 0.16 -4.19
N ASP B 47 -50.07 0.26 -3.93
CA ASP B 47 -51.08 -0.48 -4.69
C ASP B 47 -51.31 -0.08 -6.14
N TYR B 48 -50.66 1.00 -6.59
CA TYR B 48 -50.86 1.42 -7.97
C TYR B 48 -49.66 1.16 -8.87
N TRP B 49 -48.55 0.70 -8.29
CA TRP B 49 -47.36 0.47 -9.10
C TRP B 49 -46.63 -0.82 -8.83
N GLU B 50 -45.96 -1.30 -9.86
CA GLU B 50 -45.19 -2.53 -9.79
C GLU B 50 -43.73 -2.21 -10.15
N PRO B 51 -42.77 -2.88 -9.48
CA PRO B 51 -41.36 -2.66 -9.73
C PRO B 51 -40.93 -3.17 -11.09
N ILE B 52 -39.90 -2.56 -11.65
CA ILE B 52 -39.39 -3.01 -12.94
C ILE B 52 -38.02 -3.64 -12.69
N ALA B 53 -37.46 -4.31 -13.70
CA ALA B 53 -36.17 -4.96 -13.60
C ALA B 53 -35.10 -4.17 -12.84
N ILE B 54 -34.88 -2.93 -13.25
CA ILE B 54 -33.88 -2.09 -12.61
C ILE B 54 -34.21 -1.77 -11.15
N SER B 55 -35.46 -1.98 -10.77
CA SER B 55 -35.88 -1.68 -9.40
C SER B 55 -35.22 -2.50 -8.30
N ILE B 56 -34.73 -3.71 -8.62
CA ILE B 56 -34.08 -4.52 -7.58
C ILE B 56 -32.79 -3.85 -7.10
N TYR B 57 -32.20 -3.03 -7.96
CA TYR B 57 -30.99 -2.29 -7.66
C TYR B 57 -31.30 -0.94 -7.01
N MET B 58 -32.42 -0.33 -7.39
CA MET B 58 -32.83 0.96 -6.86
C MET B 58 -33.31 0.87 -5.41
N ASP B 59 -34.13 -0.13 -5.13
CA ASP B 59 -34.61 -0.33 -3.77
C ASP B 59 -34.42 -1.80 -3.47
N PRO B 60 -33.15 -2.21 -3.34
CA PRO B 60 -32.84 -3.60 -3.04
C PRO B 60 -33.51 -4.02 -1.74
N ASN B 61 -33.68 -3.05 -0.85
CA ASN B 61 -34.30 -3.23 0.46
C ASN B 61 -35.60 -4.05 0.37
N THR B 62 -36.39 -3.79 -0.66
CA THR B 62 -37.69 -4.43 -0.86
C THR B 62 -37.85 -5.42 -2.03
N PHE B 63 -37.07 -5.26 -3.09
CA PHE B 63 -37.22 -6.14 -4.25
C PHE B 63 -36.07 -7.07 -4.62
N TYR B 64 -34.89 -6.89 -4.03
CA TYR B 64 -33.78 -7.75 -4.42
C TYR B 64 -33.87 -9.22 -4.03
N LYS B 65 -33.40 -10.05 -4.96
CA LYS B 65 -33.34 -11.49 -4.80
C LYS B 65 -32.20 -11.99 -5.69
N PRO B 66 -31.21 -12.72 -5.11
CA PRO B 66 -30.06 -13.25 -5.83
C PRO B 66 -30.37 -14.02 -7.11
N PRO B 67 -29.67 -13.67 -8.20
CA PRO B 67 -29.88 -14.31 -9.49
C PRO B 67 -29.52 -15.78 -9.47
N VAL B 68 -30.53 -16.63 -9.57
CA VAL B 68 -30.30 -18.06 -9.60
C VAL B 68 -29.51 -18.40 -10.88
N SER B 69 -29.21 -17.37 -11.67
CA SER B 69 -28.48 -17.49 -12.92
C SER B 69 -27.32 -18.49 -12.82
N PRO B 70 -26.26 -18.20 -12.03
CA PRO B 70 -25.16 -19.17 -11.92
C PRO B 70 -25.23 -19.90 -10.58
N LYS B 71 -25.26 -21.23 -10.62
CA LYS B 71 -25.34 -22.01 -9.39
C LYS B 71 -23.96 -22.38 -8.83
N GLU B 72 -23.52 -21.64 -7.83
CA GLU B 72 -22.23 -21.89 -7.19
C GLU B 72 -22.27 -21.58 -5.72
N VAL B 73 -21.40 -22.26 -4.98
CA VAL B 73 -21.25 -22.05 -3.55
C VAL B 73 -19.79 -21.61 -3.50
N ALA B 74 -19.57 -20.32 -3.26
CA ALA B 74 -18.22 -19.78 -3.25
C ALA B 74 -17.73 -19.27 -1.90
N GLU B 75 -16.42 -19.08 -1.81
CA GLU B 75 -15.79 -18.55 -0.61
C GLU B 75 -15.08 -17.27 -1.02
N ARG B 76 -14.81 -16.43 -0.03
CA ARG B 76 -14.13 -15.13 -0.22
C ARG B 76 -13.18 -15.03 -1.41
N LYS B 77 -12.28 -16.01 -1.51
CA LYS B 77 -11.28 -16.06 -2.55
C LYS B 77 -11.88 -16.29 -3.94
N ASP B 78 -12.89 -17.16 -4.01
CA ASP B 78 -13.55 -17.45 -5.28
C ASP B 78 -14.36 -16.25 -5.82
N CYS B 79 -14.89 -15.43 -4.92
CA CYS B 79 -15.65 -14.26 -5.35
C CYS B 79 -14.75 -13.43 -6.26
N VAL B 80 -13.53 -13.18 -5.78
CA VAL B 80 -12.53 -12.40 -6.50
C VAL B 80 -11.93 -13.20 -7.65
N GLU B 81 -11.66 -14.48 -7.40
CA GLU B 81 -11.07 -15.37 -8.40
C GLU B 81 -11.89 -15.40 -9.71
N CYS B 82 -13.18 -15.69 -9.60
CA CYS B 82 -14.07 -15.79 -10.76
C CYS B 82 -14.47 -14.47 -11.37
N HIS B 83 -14.82 -13.50 -10.54
CA HIS B 83 -15.21 -12.21 -11.05
C HIS B 83 -14.15 -11.49 -11.86
N SER B 84 -12.91 -11.98 -11.78
CA SER B 84 -11.82 -11.41 -12.54
C SER B 84 -12.04 -11.66 -14.03
N ASP B 85 -12.88 -12.65 -14.33
CA ASP B 85 -13.18 -12.98 -15.72
C ASP B 85 -14.56 -12.46 -16.11
N GLU B 86 -15.51 -12.51 -15.17
CA GLU B 86 -16.88 -12.08 -15.41
C GLU B 86 -17.04 -10.57 -15.47
N THR B 87 -16.65 -9.89 -14.40
CA THR B 87 -16.74 -8.44 -14.34
C THR B 87 -15.36 -7.93 -13.94
N PRO B 88 -14.43 -7.97 -14.89
CA PRO B 88 -13.02 -7.55 -14.74
C PRO B 88 -12.80 -6.22 -14.05
N VAL B 89 -13.33 -5.15 -14.64
CA VAL B 89 -13.16 -3.81 -14.11
C VAL B 89 -13.63 -3.71 -12.66
N TRP B 90 -14.59 -4.53 -12.26
CA TRP B 90 -15.07 -4.50 -10.88
C TRP B 90 -13.99 -4.91 -9.88
N VAL B 91 -13.23 -5.94 -10.22
CA VAL B 91 -12.15 -6.41 -9.35
C VAL B 91 -11.04 -5.38 -9.29
N ARG B 92 -10.57 -4.95 -10.46
CA ARG B 92 -9.50 -3.94 -10.56
C ARG B 92 -9.78 -2.70 -9.71
N ALA B 93 -10.96 -2.11 -9.89
CA ALA B 93 -11.34 -0.92 -9.13
C ALA B 93 -11.30 -1.20 -7.63
N TRP B 94 -11.73 -2.41 -7.25
CA TRP B 94 -11.73 -2.84 -5.85
C TRP B 94 -10.31 -3.01 -5.32
N LYS B 95 -9.43 -3.59 -6.14
CA LYS B 95 -8.04 -3.82 -5.77
C LYS B 95 -7.37 -2.49 -5.45
N ARG B 96 -7.73 -1.48 -6.22
CA ARG B 96 -7.19 -0.14 -6.04
C ARG B 96 -7.86 0.62 -4.88
N SER B 97 -8.82 0.00 -4.22
CA SER B 97 -9.52 0.68 -3.14
C SER B 97 -8.93 0.47 -1.74
N THR B 98 -9.13 1.46 -0.87
CA THR B 98 -8.66 1.40 0.50
C THR B 98 -9.30 0.21 1.23
N HIS B 99 -10.49 -0.20 0.77
CA HIS B 99 -11.20 -1.32 1.37
C HIS B 99 -10.34 -2.57 1.26
N ALA B 100 -9.57 -2.65 0.18
CA ALA B 100 -8.70 -3.77 -0.08
C ALA B 100 -7.27 -3.50 0.38
N ASN B 101 -7.05 -2.38 1.06
CA ASN B 101 -5.71 -1.99 1.52
C ASN B 101 -5.66 -1.41 2.92
N LEU B 102 -6.25 -2.09 3.90
CA LEU B 102 -6.21 -1.59 5.27
C LEU B 102 -4.78 -1.51 5.77
N ASP B 103 -3.91 -2.42 5.33
CA ASP B 103 -2.50 -2.43 5.73
C ASP B 103 -1.85 -1.07 5.50
N LYS B 104 -2.18 -0.49 4.35
CA LYS B 104 -1.68 0.81 3.96
C LYS B 104 -2.13 1.90 4.94
N ILE B 105 -3.32 1.71 5.50
CA ILE B 105 -3.90 2.66 6.45
C ILE B 105 -3.24 2.56 7.83
N ARG B 106 -3.15 1.34 8.35
CA ARG B 106 -2.54 1.10 9.65
C ARG B 106 -1.11 1.61 9.72
N ASN B 107 -0.36 1.39 8.64
CA ASN B 107 1.03 1.79 8.63
C ASN B 107 1.27 3.23 8.17
N LEU B 108 0.28 4.10 8.37
CA LEU B 108 0.41 5.51 7.97
C LEU B 108 1.25 6.31 8.97
N LYS B 109 2.19 7.10 8.46
CA LYS B 109 3.02 7.90 9.33
C LYS B 109 2.15 9.03 9.89
N SER B 110 2.45 9.47 11.10
CA SER B 110 1.68 10.51 11.75
C SER B 110 1.70 11.91 11.17
N ASP B 111 2.62 12.22 10.26
CA ASP B 111 2.69 13.55 9.67
C ASP B 111 2.05 13.61 8.28
N ASP B 112 1.50 12.48 7.85
CA ASP B 112 0.82 12.38 6.56
C ASP B 112 -0.60 12.94 6.70
N PRO B 113 -1.05 13.76 5.73
CA PRO B 113 -2.39 14.37 5.74
C PRO B 113 -3.54 13.35 5.86
N LEU B 114 -3.36 12.19 5.26
CA LEU B 114 -4.37 11.12 5.29
C LEU B 114 -4.26 10.27 6.55
N TYR B 115 -3.64 10.81 7.59
CA TYR B 115 -3.45 10.06 8.83
C TYR B 115 -4.74 9.72 9.59
N TYR B 116 -5.76 10.57 9.44
CA TYR B 116 -7.05 10.38 10.10
C TYR B 116 -7.71 9.03 9.81
N LYS B 117 -7.43 8.47 8.63
CA LYS B 117 -7.99 7.20 8.21
C LYS B 117 -7.64 6.05 9.14
N LYS B 118 -6.44 6.08 9.73
CA LYS B 118 -6.02 5.04 10.64
C LYS B 118 -6.96 5.06 11.85
N GLY B 119 -7.32 6.27 12.27
CA GLY B 119 -8.24 6.42 13.38
C GLY B 119 -9.61 5.86 13.05
N LYS B 120 -10.08 6.16 11.84
CA LYS B 120 -11.38 5.70 11.36
C LYS B 120 -11.46 4.19 11.28
N LEU B 121 -10.34 3.56 10.90
CA LEU B 121 -10.30 2.10 10.82
C LEU B 121 -10.54 1.52 12.22
N GLU B 122 -9.80 2.04 13.19
CA GLU B 122 -9.92 1.58 14.58
C GLU B 122 -11.34 1.71 15.09
N GLU B 123 -12.00 2.80 14.69
CA GLU B 123 -13.38 3.10 15.06
C GLU B 123 -14.26 2.01 14.45
N VAL B 124 -14.01 1.67 13.19
CA VAL B 124 -14.77 0.62 12.50
C VAL B 124 -14.59 -0.72 13.22
N GLU B 125 -13.34 -1.09 13.51
CA GLU B 125 -13.05 -2.35 14.19
C GLU B 125 -13.76 -2.32 15.54
N ASN B 126 -13.70 -1.15 16.17
CA ASN B 126 -14.32 -0.90 17.46
C ASN B 126 -15.82 -1.25 17.33
N ASN B 127 -16.49 -0.58 16.40
CA ASN B 127 -17.92 -0.79 16.14
C ASN B 127 -18.22 -2.27 15.93
N LEU B 128 -17.45 -2.90 15.04
CA LEU B 128 -17.64 -4.31 14.73
C LEU B 128 -17.52 -5.22 15.95
N ARG B 129 -16.64 -4.86 16.87
CA ARG B 129 -16.46 -5.66 18.08
C ARG B 129 -17.78 -5.63 18.82
N SER B 130 -18.37 -4.44 18.91
CA SER B 130 -19.65 -4.27 19.60
C SER B 130 -20.74 -5.08 18.94
N MET B 131 -20.83 -5.01 17.62
CA MET B 131 -21.84 -5.77 16.88
C MET B 131 -21.54 -7.26 16.89
N GLY B 132 -20.49 -7.63 17.61
CA GLY B 132 -20.10 -9.03 17.73
C GLY B 132 -19.73 -9.69 16.42
N LYS B 133 -18.94 -9.00 15.59
CA LYS B 133 -18.52 -9.54 14.30
C LYS B 133 -17.02 -9.52 14.07
N LEU B 134 -16.27 -9.21 15.14
CA LEU B 134 -14.82 -9.17 15.09
C LEU B 134 -14.35 -9.57 16.47
N GLY B 135 -13.40 -10.50 16.51
CA GLY B 135 -12.86 -10.96 17.78
C GLY B 135 -12.34 -9.77 18.54
N GLU B 136 -12.60 -9.71 19.84
CA GLU B 136 -12.17 -8.59 20.68
C GLU B 136 -10.77 -8.06 20.36
N LYS B 137 -9.84 -8.96 20.07
CA LYS B 137 -8.47 -8.58 19.74
C LYS B 137 -8.17 -8.73 18.25
N GLU B 138 -9.09 -9.37 17.53
CA GLU B 138 -8.96 -9.60 16.10
C GLU B 138 -8.99 -8.27 15.31
N THR B 139 -8.22 -8.20 14.22
CA THR B 139 -8.18 -7.00 13.39
C THR B 139 -8.88 -7.23 12.06
N LEU B 140 -9.38 -6.14 11.46
CA LEU B 140 -10.09 -6.21 10.19
C LEU B 140 -9.19 -6.61 9.04
N LYS B 141 -9.38 -7.84 8.56
CA LYS B 141 -8.59 -8.37 7.46
C LYS B 141 -8.74 -7.52 6.20
N GLU B 142 -9.98 -7.31 5.76
CA GLU B 142 -10.23 -6.53 4.55
C GLU B 142 -11.72 -6.32 4.38
N VAL B 143 -12.07 -5.59 3.33
CA VAL B 143 -13.46 -5.36 2.98
C VAL B 143 -13.56 -5.86 1.52
N GLY B 144 -13.82 -7.15 1.37
CA GLY B 144 -13.93 -7.75 0.05
C GLY B 144 -15.36 -7.90 -0.40
N CYS B 145 -15.56 -8.55 -1.55
CA CYS B 145 -16.90 -8.73 -2.08
C CYS B 145 -17.86 -9.39 -1.09
N ILE B 146 -17.41 -10.49 -0.49
CA ILE B 146 -18.21 -11.26 0.47
C ILE B 146 -18.65 -10.50 1.72
N ASP B 147 -17.92 -9.46 2.09
CA ASP B 147 -18.27 -8.69 3.27
C ASP B 147 -19.46 -7.81 3.01
N CYS B 148 -19.49 -7.18 1.84
CA CYS B 148 -20.58 -6.30 1.44
C CYS B 148 -21.75 -7.04 0.81
N HIS B 149 -21.48 -8.07 0.03
CA HIS B 149 -22.53 -8.81 -0.65
C HIS B 149 -23.14 -10.03 0.05
N VAL B 150 -22.60 -10.41 1.20
CA VAL B 150 -23.12 -11.56 1.94
C VAL B 150 -23.16 -11.22 3.42
N ASP B 151 -21.99 -11.18 4.05
CA ASP B 151 -21.92 -10.85 5.46
C ASP B 151 -20.56 -10.32 5.83
N VAL B 152 -20.56 -9.25 6.61
CA VAL B 152 -19.34 -8.63 7.08
C VAL B 152 -18.54 -9.65 7.88
N ASN B 153 -17.25 -9.77 7.56
CA ASN B 153 -16.35 -10.69 8.25
C ASN B 153 -16.72 -12.15 8.02
N LYS B 154 -17.30 -12.43 6.85
CA LYS B 154 -17.71 -13.79 6.50
C LYS B 154 -16.52 -14.76 6.41
N LYS B 155 -16.56 -15.81 7.22
CA LYS B 155 -15.49 -16.81 7.22
C LYS B 155 -15.78 -18.09 6.43
N ASP B 156 -17.03 -18.56 6.44
CA ASP B 156 -17.38 -19.77 5.70
C ASP B 156 -17.90 -19.43 4.30
N LYS B 157 -18.14 -20.44 3.47
CA LYS B 157 -18.62 -20.23 2.10
C LYS B 157 -20.01 -19.61 1.98
N ALA B 158 -20.44 -19.39 0.75
CA ALA B 158 -21.74 -18.79 0.49
C ALA B 158 -22.32 -19.33 -0.79
N ASP B 159 -23.65 -19.38 -0.84
CA ASP B 159 -24.39 -19.86 -2.02
C ASP B 159 -24.82 -18.64 -2.82
N HIS B 160 -24.29 -18.53 -4.02
CA HIS B 160 -24.56 -17.43 -4.94
C HIS B 160 -26.04 -17.20 -5.24
N THR B 161 -26.84 -18.24 -5.11
CA THR B 161 -28.26 -18.16 -5.42
C THR B 161 -29.22 -17.87 -4.26
N LYS B 162 -28.70 -17.65 -3.05
CA LYS B 162 -29.58 -17.34 -1.93
C LYS B 162 -28.92 -16.48 -0.86
N ASP B 163 -27.65 -16.12 -1.04
CA ASP B 163 -26.98 -15.33 -0.03
C ASP B 163 -26.46 -13.98 -0.50
N ILE B 164 -26.50 -13.76 -1.81
CA ILE B 164 -26.05 -12.50 -2.38
C ILE B 164 -27.07 -11.42 -2.05
N ARG B 165 -26.57 -10.26 -1.66
CA ARG B 165 -27.40 -9.13 -1.30
C ARG B 165 -26.77 -7.89 -1.93
N MET B 166 -27.53 -6.81 -1.99
CA MET B 166 -27.01 -5.55 -2.50
C MET B 166 -26.80 -4.74 -1.23
N PRO B 167 -25.60 -4.16 -1.05
CA PRO B 167 -25.20 -3.34 0.10
C PRO B 167 -26.01 -2.07 0.27
N THR B 168 -26.97 -2.08 1.19
CA THR B 168 -27.78 -0.90 1.41
C THR B 168 -27.13 0.00 2.47
N ALA B 169 -27.65 1.22 2.61
CA ALA B 169 -27.12 2.18 3.57
C ALA B 169 -26.79 1.59 4.94
N ASP B 170 -27.66 0.70 5.43
CA ASP B 170 -27.45 0.07 6.73
C ASP B 170 -26.28 -0.90 6.74
N THR B 171 -26.03 -1.56 5.61
CA THR B 171 -24.90 -2.48 5.51
C THR B 171 -23.57 -1.74 5.65
N CYS B 172 -23.41 -0.63 4.94
CA CYS B 172 -22.19 0.14 5.05
C CYS B 172 -22.14 0.66 6.49
N GLY B 173 -23.33 0.92 7.03
CA GLY B 173 -23.46 1.42 8.38
C GLY B 173 -23.00 0.45 9.46
N THR B 174 -22.95 -0.84 9.15
CA THR B 174 -22.51 -1.83 10.11
C THR B 174 -21.10 -1.44 10.59
N CYS B 175 -20.25 -1.06 9.64
CA CYS B 175 -18.88 -0.66 9.93
C CYS B 175 -18.84 0.85 10.12
N HIS B 176 -19.36 1.58 9.13
CA HIS B 176 -19.39 3.05 9.14
C HIS B 176 -20.54 3.70 9.95
N LEU B 177 -20.74 3.26 11.18
CA LEU B 177 -21.81 3.79 12.01
C LEU B 177 -21.79 5.32 12.16
N ARG B 178 -20.61 5.94 12.13
CA ARG B 178 -20.54 7.39 12.27
C ARG B 178 -21.19 8.16 11.10
N GLU B 179 -20.92 7.74 9.88
CA GLU B 179 -21.50 8.43 8.72
C GLU B 179 -22.95 8.03 8.49
N PHE B 180 -23.31 6.80 8.85
CA PHE B 180 -24.68 6.32 8.71
C PHE B 180 -25.57 7.15 9.65
N ALA B 181 -25.18 7.25 10.92
CA ALA B 181 -25.94 8.01 11.91
C ALA B 181 -26.04 9.47 11.52
N GLU B 182 -24.91 10.06 11.12
CA GLU B 182 -24.88 11.46 10.70
C GLU B 182 -25.86 11.71 9.58
N ARG B 183 -25.99 10.74 8.68
CA ARG B 183 -26.92 10.92 7.59
C ARG B 183 -28.35 10.78 8.09
N GLU B 184 -28.59 9.82 8.98
CA GLU B 184 -29.92 9.58 9.55
C GLU B 184 -30.44 10.73 10.42
N SER B 185 -29.54 11.52 10.98
CA SER B 185 -29.93 12.64 11.81
C SER B 185 -30.70 13.71 11.03
N GLU B 186 -30.70 13.61 9.70
CA GLU B 186 -31.41 14.57 8.84
C GLU B 186 -32.92 14.55 9.13
N ARG B 187 -33.40 13.37 9.53
CA ARG B 187 -34.81 13.13 9.86
C ARG B 187 -35.19 13.96 11.07
N ASP B 188 -34.22 14.17 11.95
CA ASP B 188 -34.41 14.89 13.20
C ASP B 188 -34.19 16.39 13.10
N THR B 189 -33.11 16.79 12.44
CA THR B 189 -32.78 18.20 12.30
C THR B 189 -33.69 18.98 11.36
N MET B 190 -34.12 18.33 10.29
CA MET B 190 -34.96 18.99 9.31
C MET B 190 -36.46 18.97 9.62
N VAL B 191 -36.87 19.80 10.57
CA VAL B 191 -38.29 19.93 10.93
C VAL B 191 -38.64 21.39 10.68
N TRP B 192 -39.67 21.62 9.86
CA TRP B 192 -40.05 22.98 9.56
C TRP B 192 -40.79 23.66 10.68
N PRO B 193 -40.48 24.94 10.92
CA PRO B 193 -41.12 25.72 11.97
C PRO B 193 -42.64 25.67 11.91
N ASN B 194 -43.19 25.70 10.70
CA ASN B 194 -44.64 25.67 10.51
C ASN B 194 -45.02 24.52 9.59
N GLY B 195 -44.23 23.46 9.62
CA GLY B 195 -44.50 22.31 8.77
C GLY B 195 -44.53 22.59 7.29
N GLN B 196 -43.76 23.59 6.83
CA GLN B 196 -43.70 23.96 5.41
C GLN B 196 -43.45 22.76 4.49
N TRP B 197 -42.86 21.72 5.06
CA TRP B 197 -42.56 20.48 4.34
C TRP B 197 -42.70 19.36 5.34
N PRO B 198 -42.79 18.10 4.86
CA PRO B 198 -42.93 16.95 5.75
C PRO B 198 -41.66 16.86 6.59
N ALA B 199 -41.79 16.36 7.82
CA ALA B 199 -40.64 16.24 8.70
C ALA B 199 -39.53 15.39 8.04
N GLY B 200 -38.30 15.92 8.10
CA GLY B 200 -37.16 15.26 7.52
C GLY B 200 -36.97 15.54 6.03
N ARG B 201 -37.80 16.43 5.46
CA ARG B 201 -37.73 16.75 4.02
C ARG B 201 -37.57 18.26 3.77
N PRO B 202 -36.74 18.63 2.77
CA PRO B 202 -35.96 17.74 1.89
C PRO B 202 -34.67 17.21 2.57
N SER B 203 -34.20 16.05 2.10
CA SER B 203 -33.00 15.42 2.63
C SER B 203 -32.65 14.19 1.80
N HIS B 204 -31.51 13.56 2.11
CA HIS B 204 -31.09 12.35 1.41
C HIS B 204 -31.57 11.10 2.15
N ALA B 205 -31.87 11.27 3.44
CA ALA B 205 -32.34 10.17 4.27
C ALA B 205 -33.73 9.70 3.87
N LEU B 206 -34.59 10.64 3.46
CA LEU B 206 -35.94 10.32 3.04
C LEU B 206 -36.16 10.66 1.56
N ASP B 207 -35.08 10.65 0.78
CA ASP B 207 -35.20 10.99 -0.63
C ASP B 207 -35.98 9.96 -1.47
N TYR B 208 -35.90 8.69 -1.09
CA TYR B 208 -36.63 7.68 -1.84
C TYR B 208 -38.10 7.75 -1.44
N THR B 209 -38.34 8.01 -0.17
CA THR B 209 -39.69 8.12 0.34
C THR B 209 -40.38 9.27 -0.41
N ALA B 210 -39.71 10.40 -0.51
CA ALA B 210 -40.25 11.56 -1.21
C ALA B 210 -40.70 11.18 -2.63
N ASN B 211 -39.87 10.40 -3.31
CA ASN B 211 -40.14 9.96 -4.69
C ASN B 211 -41.43 9.14 -4.76
N ILE B 212 -41.46 8.02 -4.04
CA ILE B 212 -42.62 7.12 -4.03
C ILE B 212 -43.90 7.72 -3.41
N GLU B 213 -43.77 8.92 -2.83
CA GLU B 213 -44.92 9.60 -2.24
C GLU B 213 -45.28 10.82 -3.09
N THR B 214 -45.00 10.69 -4.39
CA THR B 214 -45.30 11.71 -5.39
C THR B 214 -46.33 11.03 -6.28
N THR B 215 -47.61 11.33 -6.03
CA THR B 215 -48.74 10.75 -6.75
C THR B 215 -48.45 10.42 -8.21
N VAL B 216 -47.97 11.39 -8.96
CA VAL B 216 -47.68 11.20 -10.38
C VAL B 216 -46.85 9.96 -10.60
N TRP B 217 -45.73 9.88 -9.88
CA TRP B 217 -44.82 8.75 -9.98
C TRP B 217 -45.56 7.42 -9.83
N ALA B 218 -46.49 7.36 -8.88
CA ALA B 218 -47.25 6.14 -8.68
C ALA B 218 -48.39 5.95 -9.69
N THR B 219 -48.97 7.04 -10.19
CA THR B 219 -50.10 6.94 -11.14
C THR B 219 -49.77 6.73 -12.60
N MET B 220 -48.79 7.49 -13.09
CA MET B 220 -48.41 7.44 -14.50
C MET B 220 -48.04 6.07 -15.04
N PRO B 221 -48.73 5.63 -16.08
CA PRO B 221 -48.52 4.33 -16.74
C PRO B 221 -47.12 4.10 -17.31
N GLN B 222 -46.44 5.14 -17.77
CA GLN B 222 -45.11 4.96 -18.34
C GLN B 222 -43.99 4.85 -17.29
N ARG B 223 -43.92 3.67 -16.68
CA ARG B 223 -42.97 3.31 -15.62
C ARG B 223 -41.53 3.66 -15.92
N GLU B 224 -41.07 3.35 -17.13
CA GLU B 224 -39.70 3.64 -17.53
C GLU B 224 -39.40 5.13 -17.36
N VAL B 225 -40.33 5.99 -17.78
CA VAL B 225 -40.10 7.42 -17.61
C VAL B 225 -40.10 7.70 -16.10
N ALA B 226 -40.88 6.94 -15.35
CA ALA B 226 -40.92 7.13 -13.90
C ALA B 226 -39.66 6.65 -13.17
N GLU B 227 -38.97 5.66 -13.74
CA GLU B 227 -37.77 5.13 -13.11
C GLU B 227 -36.58 6.05 -13.21
N GLY B 228 -36.62 6.99 -14.16
CA GLY B 228 -35.56 7.96 -14.30
C GLY B 228 -35.66 8.94 -13.15
N CYS B 229 -36.79 8.95 -12.45
CA CYS B 229 -36.98 9.84 -11.31
C CYS B 229 -36.44 9.16 -10.06
N THR B 230 -36.51 7.82 -10.03
CA THR B 230 -36.02 7.04 -8.90
C THR B 230 -34.51 7.12 -8.85
N MET B 231 -33.89 7.14 -10.02
CA MET B 231 -32.44 7.20 -10.14
C MET B 231 -31.80 8.42 -9.45
N CYS B 232 -32.60 9.46 -9.20
CA CYS B 232 -32.09 10.65 -8.51
C CYS B 232 -32.55 10.63 -7.05
N HIS B 233 -33.34 9.62 -6.70
CA HIS B 233 -33.89 9.49 -5.36
C HIS B 233 -33.55 8.15 -4.69
N THR B 234 -32.31 7.69 -4.85
CA THR B 234 -31.88 6.44 -4.25
C THR B 234 -30.96 6.54 -3.05
N ASN B 235 -30.49 7.75 -2.75
CA ASN B 235 -29.57 7.98 -1.63
C ASN B 235 -29.94 7.36 -0.29
N GLN B 236 -31.23 7.21 -0.03
CA GLN B 236 -31.68 6.63 1.22
C GLN B 236 -31.49 5.11 1.18
N ASN B 237 -31.49 4.54 -0.03
CA ASN B 237 -31.33 3.11 -0.24
C ASN B 237 -29.87 2.67 -0.35
N LYS B 238 -29.05 3.45 -1.05
CA LYS B 238 -27.66 3.09 -1.22
C LYS B 238 -26.68 4.24 -1.04
N CYS B 239 -25.48 3.92 -0.58
CA CYS B 239 -24.47 4.93 -0.32
C CYS B 239 -23.45 5.18 -1.43
N ASP B 240 -23.72 4.70 -2.65
CA ASP B 240 -22.75 4.91 -3.73
C ASP B 240 -23.08 5.98 -4.79
N ASN B 241 -23.61 7.12 -4.35
CA ASN B 241 -23.95 8.18 -5.28
C ASN B 241 -22.91 9.29 -5.34
N CYS B 242 -22.34 9.67 -4.21
CA CYS B 242 -21.32 10.70 -4.23
C CYS B 242 -19.97 10.03 -4.47
N HIS B 243 -19.66 8.99 -3.69
CA HIS B 243 -18.44 8.22 -3.91
C HIS B 243 -18.92 6.89 -4.48
N THR B 244 -19.01 6.84 -5.80
CA THR B 244 -19.48 5.68 -6.55
C THR B 244 -18.89 4.34 -6.15
N ARG B 245 -19.60 3.27 -6.50
CA ARG B 245 -19.19 1.92 -6.14
C ARG B 245 -17.91 1.36 -6.73
N HIS B 246 -17.40 0.35 -5.99
CA HIS B 246 -16.18 -0.39 -6.26
C HIS B 246 -15.00 0.53 -6.44
N GLU B 247 -14.75 1.29 -5.39
CA GLU B 247 -13.66 2.26 -5.30
C GLU B 247 -13.93 3.18 -4.13
N PHE B 248 -15.20 3.56 -3.99
CA PHE B 248 -15.68 4.42 -2.92
C PHE B 248 -14.69 5.47 -2.40
N SER B 249 -14.10 6.21 -3.32
CA SER B 249 -13.13 7.23 -2.97
C SER B 249 -13.79 8.48 -2.37
N ALA B 250 -13.34 8.87 -1.17
CA ALA B 250 -13.85 10.05 -0.50
C ALA B 250 -13.42 11.32 -1.25
N ALA B 251 -12.27 11.26 -1.91
CA ALA B 251 -11.75 12.40 -2.68
C ALA B 251 -12.71 12.75 -3.83
N GLU B 252 -13.35 11.70 -4.36
CA GLU B 252 -14.31 11.83 -5.44
C GLU B 252 -15.54 12.59 -4.96
N SER B 253 -16.10 12.16 -3.84
CA SER B 253 -17.27 12.80 -3.28
C SER B 253 -17.09 14.25 -2.84
N ARG B 254 -15.87 14.76 -2.91
CA ARG B 254 -15.60 16.14 -2.52
C ARG B 254 -15.60 17.06 -3.72
N LYS B 255 -15.56 16.47 -4.91
CA LYS B 255 -15.57 17.24 -6.12
C LYS B 255 -16.99 17.65 -6.49
N PRO B 256 -17.16 18.87 -7.04
CA PRO B 256 -18.48 19.37 -7.43
C PRO B 256 -19.20 18.40 -8.37
N GLU B 257 -18.44 17.77 -9.25
CA GLU B 257 -18.97 16.81 -10.22
C GLU B 257 -19.82 15.73 -9.57
N ALA B 258 -19.47 15.33 -8.36
CA ALA B 258 -20.18 14.28 -7.63
C ALA B 258 -21.67 14.52 -7.35
N CYS B 259 -22.10 15.78 -7.37
CA CYS B 259 -23.50 16.11 -7.13
C CYS B 259 -24.26 16.43 -8.43
N ALA B 260 -23.52 16.74 -9.49
CA ALA B 260 -24.05 17.13 -10.82
C ALA B 260 -25.19 16.35 -11.46
N THR B 261 -25.07 15.03 -11.58
CA THR B 261 -26.10 14.21 -12.21
C THR B 261 -27.52 14.38 -11.64
N CYS B 262 -27.61 14.70 -10.36
CA CYS B 262 -28.90 14.89 -9.72
C CYS B 262 -29.22 16.38 -9.57
N HIS B 263 -28.26 17.15 -9.09
CA HIS B 263 -28.46 18.58 -8.88
C HIS B 263 -28.18 19.46 -10.09
N SER B 264 -29.07 19.37 -11.08
CA SER B 264 -28.98 20.15 -12.32
C SER B 264 -30.38 20.12 -12.96
N GLY B 265 -30.56 20.78 -14.11
CA GLY B 265 -31.86 20.76 -14.77
C GLY B 265 -32.77 21.96 -14.59
N VAL B 266 -34.00 21.83 -15.09
CA VAL B 266 -35.00 22.90 -15.04
C VAL B 266 -35.52 23.45 -13.72
N ASP B 267 -35.64 22.61 -12.70
CA ASP B 267 -36.15 23.07 -11.41
C ASP B 267 -35.11 23.15 -10.28
N HIS B 268 -33.85 23.15 -10.67
CA HIS B 268 -32.71 23.23 -9.75
C HIS B 268 -31.43 23.04 -10.53
N ASN B 269 -30.98 24.13 -11.16
CA ASN B 269 -29.76 24.11 -11.94
C ASN B 269 -28.54 24.43 -11.08
N ASN B 270 -28.36 23.68 -10.00
CA ASN B 270 -27.25 23.88 -9.06
C ASN B 270 -25.89 23.73 -9.70
N TRP B 271 -25.73 22.69 -10.51
CA TRP B 271 -24.50 22.44 -11.21
C TRP B 271 -24.21 23.61 -12.16
N GLU B 272 -25.23 24.05 -12.86
CA GLU B 272 -25.11 25.13 -13.82
C GLU B 272 -24.77 26.51 -13.24
N ALA B 273 -25.55 26.95 -12.24
CA ALA B 273 -25.31 28.25 -11.61
C ALA B 273 -23.92 28.30 -11.00
N TYR B 274 -23.58 27.25 -10.24
CA TYR B 274 -22.27 27.17 -9.59
C TYR B 274 -21.10 27.12 -10.57
N THR B 275 -21.13 26.20 -11.51
CA THR B 275 -20.08 26.05 -12.49
C THR B 275 -19.81 27.33 -13.25
N MET B 276 -20.83 28.18 -13.37
CA MET B 276 -20.68 29.44 -14.08
C MET B 276 -20.24 30.60 -13.20
N SER B 277 -20.39 30.42 -11.89
CA SER B 277 -20.00 31.46 -10.95
C SER B 277 -18.47 31.45 -10.84
N LYS B 278 -17.90 32.49 -10.25
CA LYS B 278 -16.45 32.54 -10.12
C LYS B 278 -16.04 31.38 -9.25
N HIS B 279 -16.77 31.18 -8.14
CA HIS B 279 -16.49 30.08 -7.22
C HIS B 279 -16.23 28.79 -7.99
N GLY B 280 -17.09 28.55 -8.99
CA GLY B 280 -16.99 27.35 -9.82
C GLY B 280 -15.97 27.40 -10.93
N LYS B 281 -15.74 28.58 -11.50
CA LYS B 281 -14.74 28.72 -12.57
C LYS B 281 -13.33 28.59 -12.03
N LEU B 282 -13.13 29.11 -10.82
CA LEU B 282 -11.84 29.02 -10.14
C LEU B 282 -11.64 27.55 -9.77
N ALA B 283 -12.71 26.91 -9.31
CA ALA B 283 -12.65 25.50 -8.92
C ALA B 283 -12.19 24.59 -10.05
N GLU B 284 -12.59 24.88 -11.27
CA GLU B 284 -12.14 24.03 -12.36
C GLU B 284 -10.80 24.48 -12.93
N MET B 285 -10.41 25.71 -12.60
CA MET B 285 -9.14 26.24 -13.04
C MET B 285 -8.04 25.74 -12.12
N ASN B 286 -8.32 25.69 -10.82
CA ASN B 286 -7.35 25.25 -9.82
C ASN B 286 -7.54 23.81 -9.36
N ARG B 287 -8.48 23.10 -9.97
CA ARG B 287 -8.74 21.72 -9.58
C ARG B 287 -7.46 20.87 -9.48
N ASP B 288 -6.53 21.10 -10.40
CA ASP B 288 -5.28 20.34 -10.39
C ASP B 288 -4.13 21.02 -9.62
N LYS B 289 -4.46 21.52 -8.43
CA LYS B 289 -3.51 22.17 -7.52
C LYS B 289 -3.99 21.90 -6.09
N TRP B 290 -5.22 21.41 -5.97
CA TRP B 290 -5.83 21.13 -4.69
C TRP B 290 -5.69 19.66 -4.37
N ASN B 291 -5.58 19.36 -3.08
CA ASN B 291 -5.45 17.98 -2.60
C ASN B 291 -6.84 17.51 -2.21
N TRP B 292 -7.48 16.76 -3.10
CA TRP B 292 -8.82 16.25 -2.84
C TRP B 292 -8.86 15.08 -1.86
N GLU B 293 -7.68 14.66 -1.41
CA GLU B 293 -7.56 13.54 -0.47
C GLU B 293 -7.69 14.03 0.96
N VAL B 294 -7.43 15.31 1.13
CA VAL B 294 -7.49 15.97 2.41
C VAL B 294 -8.96 16.18 2.78
N ARG B 295 -9.34 15.80 3.99
CA ARG B 295 -10.71 15.97 4.44
C ARG B 295 -11.14 17.44 4.50
N LEU B 296 -12.43 17.66 4.26
CA LEU B 296 -13.06 18.97 4.27
C LEU B 296 -12.62 19.96 5.35
N LYS B 297 -12.34 19.47 6.56
CA LYS B 297 -11.91 20.37 7.63
C LYS B 297 -10.49 20.90 7.44
N ASP B 298 -9.70 20.21 6.63
CA ASP B 298 -8.32 20.61 6.35
C ASP B 298 -8.17 21.22 4.97
N ALA B 299 -9.23 21.16 4.19
CA ALA B 299 -9.24 21.68 2.82
C ALA B 299 -8.61 23.08 2.62
N PHE B 300 -9.08 24.08 3.36
CA PHE B 300 -8.55 25.43 3.18
C PHE B 300 -7.17 25.61 3.78
N SER B 301 -6.79 24.72 4.69
CA SER B 301 -5.48 24.81 5.28
C SER B 301 -4.52 23.98 4.46
N LYS B 302 -4.31 22.73 4.85
CA LYS B 302 -3.37 21.88 4.14
C LYS B 302 -3.89 21.37 2.81
N GLY B 303 -5.18 21.57 2.56
CA GLY B 303 -5.77 21.13 1.31
C GLY B 303 -5.38 22.06 0.17
N GLY B 304 -5.13 23.33 0.51
CA GLY B 304 -4.72 24.31 -0.49
C GLY B 304 -5.84 24.89 -1.33
N GLN B 305 -7.07 24.59 -0.93
CA GLN B 305 -8.26 25.04 -1.63
C GLN B 305 -8.67 26.48 -1.29
N ASN B 306 -8.78 27.32 -2.32
CA ASN B 306 -9.17 28.71 -2.12
C ASN B 306 -10.51 29.09 -2.77
N ALA B 307 -11.27 28.09 -3.21
CA ALA B 307 -12.58 28.32 -3.82
C ALA B 307 -13.55 27.27 -3.26
N PRO B 308 -14.79 27.69 -2.93
CA PRO B 308 -15.82 26.78 -2.38
C PRO B 308 -16.44 25.78 -3.36
N THR B 309 -16.66 24.58 -2.86
CA THR B 309 -17.25 23.50 -3.63
C THR B 309 -18.60 23.20 -3.00
N CYS B 310 -19.39 22.36 -3.67
CA CYS B 310 -20.71 21.99 -3.18
C CYS B 310 -20.60 21.34 -1.80
N ALA B 311 -19.63 20.44 -1.66
CA ALA B 311 -19.39 19.73 -0.39
C ALA B 311 -18.87 20.65 0.72
N ALA B 312 -17.95 21.53 0.39
CA ALA B 312 -17.39 22.43 1.37
C ALA B 312 -18.48 23.26 2.04
N CYS B 313 -19.37 23.84 1.22
CA CYS B 313 -20.46 24.69 1.70
C CYS B 313 -21.60 24.03 2.48
N HIS B 314 -22.17 22.97 1.92
CA HIS B 314 -23.30 22.28 2.54
C HIS B 314 -23.03 21.26 3.64
N MET B 315 -21.91 20.56 3.57
CA MET B 315 -21.58 19.56 4.59
C MET B 315 -21.19 20.26 5.89
N GLU B 316 -20.75 21.51 5.77
CA GLU B 316 -20.31 22.29 6.93
C GLU B 316 -21.50 22.89 7.68
N TYR B 317 -21.35 23.04 9.00
CA TYR B 317 -22.39 23.65 9.81
C TYR B 317 -21.82 24.76 10.72
N GLU B 318 -21.42 24.41 11.93
CA GLU B 318 -20.83 25.41 12.82
C GLU B 318 -19.35 25.04 12.97
N GLY B 319 -18.65 24.99 11.85
CA GLY B 319 -17.24 24.64 11.88
C GLY B 319 -16.99 23.16 11.64
N GLU B 320 -17.95 22.32 12.00
CA GLU B 320 -17.82 20.87 11.80
C GLU B 320 -18.39 20.47 10.45
N TYR B 321 -18.10 19.26 10.02
CA TYR B 321 -18.58 18.73 8.76
C TYR B 321 -19.15 17.36 9.06
N THR B 322 -20.35 17.10 8.61
CA THR B 322 -20.98 15.81 8.85
C THR B 322 -21.66 15.44 7.54
N HIS B 323 -22.35 14.30 7.54
CA HIS B 323 -23.07 13.86 6.34
C HIS B 323 -24.50 14.37 6.33
N ASN B 324 -24.80 15.25 7.28
CA ASN B 324 -26.14 15.83 7.41
C ASN B 324 -26.11 17.19 6.71
N ILE B 325 -26.75 17.26 5.56
CA ILE B 325 -26.82 18.50 4.78
C ILE B 325 -28.07 19.32 5.09
N THR B 326 -28.91 18.81 5.99
CA THR B 326 -30.15 19.48 6.36
C THR B 326 -29.98 20.26 7.64
N ARG B 327 -29.45 21.47 7.55
CA ARG B 327 -29.27 22.27 8.74
C ARG B 327 -29.14 23.77 8.53
N LYS B 328 -28.89 24.18 7.28
CA LYS B 328 -28.80 25.60 6.96
C LYS B 328 -29.82 25.94 5.87
N THR B 329 -30.79 25.06 5.67
CA THR B 329 -31.81 25.28 4.66
C THR B 329 -32.80 26.34 5.11
N ARG B 330 -33.05 27.30 4.22
CA ARG B 330 -34.00 28.36 4.49
C ARG B 330 -34.99 28.29 3.34
N TRP B 331 -34.57 28.67 2.14
CA TRP B 331 -35.43 28.55 0.98
C TRP B 331 -35.13 27.12 0.55
N ALA B 332 -36.11 26.24 0.45
CA ALA B 332 -35.79 24.89 0.02
C ALA B 332 -35.93 24.75 -1.50
N ASN B 333 -35.12 25.52 -2.23
CA ASN B 333 -35.10 25.54 -3.70
C ASN B 333 -36.26 26.34 -4.29
N TYR B 334 -37.46 25.77 -4.24
CA TYR B 334 -38.65 26.40 -4.79
C TYR B 334 -39.17 27.48 -3.85
N PRO B 335 -39.11 28.76 -4.28
CA PRO B 335 -39.56 29.91 -3.50
C PRO B 335 -41.06 30.07 -3.34
N PHE B 336 -41.82 29.49 -4.27
CA PHE B 336 -43.28 29.59 -4.26
C PHE B 336 -44.03 28.71 -3.26
N VAL B 337 -43.36 27.70 -2.70
CA VAL B 337 -43.99 26.81 -1.72
C VAL B 337 -44.61 27.67 -0.61
N PRO B 338 -45.87 27.39 -0.26
CA PRO B 338 -46.56 28.15 0.79
C PRO B 338 -45.82 28.10 2.12
N GLY B 339 -45.77 29.24 2.80
CA GLY B 339 -45.10 29.31 4.08
C GLY B 339 -43.64 29.73 4.07
N ILE B 340 -42.92 29.33 3.03
CA ILE B 340 -41.50 29.66 2.90
C ILE B 340 -41.21 31.15 3.01
N ALA B 341 -41.71 31.93 2.06
CA ALA B 341 -41.47 33.38 2.04
C ALA B 341 -41.83 34.06 3.37
N GLU B 342 -42.90 33.58 3.99
CA GLU B 342 -43.39 34.12 5.26
C GLU B 342 -42.42 33.83 6.40
N ASN B 343 -41.82 32.64 6.38
CA ASN B 343 -40.89 32.18 7.41
C ASN B 343 -39.46 32.77 7.36
N ILE B 344 -39.06 33.31 6.21
CA ILE B 344 -37.71 33.89 6.04
C ILE B 344 -37.26 34.91 7.09
N THR B 345 -38.21 35.62 7.70
CA THR B 345 -37.84 36.63 8.70
C THR B 345 -37.92 36.15 10.14
N SER B 346 -38.14 34.85 10.33
CA SER B 346 -38.25 34.27 11.66
C SER B 346 -36.87 34.09 12.29
N ASP B 347 -36.83 33.91 13.62
CA ASP B 347 -35.57 33.67 14.34
C ASP B 347 -34.93 32.45 13.69
N TRP B 348 -35.75 31.41 13.58
CA TRP B 348 -35.37 30.14 12.97
C TRP B 348 -34.57 30.36 11.68
N SER B 349 -35.08 31.21 10.79
CA SER B 349 -34.40 31.50 9.54
C SER B 349 -33.21 32.42 9.70
N GLU B 350 -33.28 33.33 10.66
CA GLU B 350 -32.18 34.25 10.90
C GLU B 350 -30.98 33.52 11.47
N ALA B 351 -31.24 32.47 12.23
CA ALA B 351 -30.19 31.67 12.83
C ALA B 351 -29.45 30.94 11.71
N ARG B 352 -30.21 30.21 10.90
CA ARG B 352 -29.64 29.50 9.78
C ARG B 352 -28.93 30.47 8.83
N LEU B 353 -29.32 31.74 8.89
CA LEU B 353 -28.69 32.78 8.08
C LEU B 353 -27.31 33.08 8.64
N ASP B 354 -27.23 33.17 9.96
CA ASP B 354 -25.97 33.40 10.64
C ASP B 354 -25.05 32.22 10.34
N SER B 355 -25.61 31.01 10.33
CA SER B 355 -24.85 29.80 10.03
C SER B 355 -24.18 29.94 8.65
N TRP B 356 -24.88 30.59 7.71
CA TRP B 356 -24.34 30.81 6.38
C TRP B 356 -23.28 31.90 6.39
N VAL B 357 -23.52 32.96 7.16
CA VAL B 357 -22.55 34.06 7.23
C VAL B 357 -21.22 33.50 7.69
N LEU B 358 -21.29 32.54 8.61
CA LEU B 358 -20.12 31.85 9.15
C LEU B 358 -19.29 31.22 8.03
N THR B 359 -19.94 30.44 7.17
CA THR B 359 -19.31 29.74 6.05
C THR B 359 -18.58 30.66 5.06
N CYS B 360 -19.20 31.79 4.74
CA CYS B 360 -18.61 32.73 3.79
C CYS B 360 -17.42 33.47 4.36
N THR B 361 -17.50 33.79 5.66
CA THR B 361 -16.46 34.53 6.36
C THR B 361 -15.14 33.82 6.59
N GLN B 362 -15.04 32.59 6.10
CA GLN B 362 -13.79 31.85 6.22
C GLN B 362 -12.83 32.49 5.21
N CYS B 363 -13.40 33.28 4.30
CA CYS B 363 -12.66 33.98 3.25
C CYS B 363 -13.04 35.46 3.20
N HIS B 364 -14.30 35.76 2.98
CA HIS B 364 -14.79 37.14 2.89
C HIS B 364 -15.04 37.78 4.25
N SER B 365 -15.28 39.10 4.24
CA SER B 365 -15.59 39.84 5.46
C SER B 365 -17.11 39.69 5.70
N GLU B 366 -17.53 39.84 6.94
CA GLU B 366 -18.96 39.69 7.25
C GLU B 366 -19.82 40.75 6.56
N ARG B 367 -19.28 41.95 6.42
CA ARG B 367 -19.98 43.05 5.76
C ARG B 367 -20.33 42.59 4.35
N PHE B 368 -19.33 42.11 3.61
CA PHE B 368 -19.52 41.62 2.24
C PHE B 368 -20.48 40.39 2.22
N ALA B 369 -20.22 39.40 3.07
CA ALA B 369 -21.05 38.20 3.13
C ALA B 369 -22.51 38.56 3.32
N ARG B 370 -22.77 39.50 4.23
CA ARG B 370 -24.13 39.94 4.50
C ARG B 370 -24.73 40.79 3.38
N SER B 371 -23.89 41.56 2.71
CA SER B 371 -24.35 42.40 1.60
C SER B 371 -24.98 41.54 0.52
N TYR B 372 -24.38 40.39 0.20
CA TYR B 372 -24.89 39.53 -0.85
C TYR B 372 -26.14 38.76 -0.45
N LEU B 373 -26.08 38.07 0.69
CA LEU B 373 -27.21 37.27 1.16
C LEU B 373 -28.53 38.04 1.20
N ASP B 374 -28.45 39.32 1.59
CA ASP B 374 -29.62 40.19 1.64
C ASP B 374 -30.21 40.25 0.22
N LEU B 375 -29.34 40.51 -0.74
CA LEU B 375 -29.71 40.61 -2.14
C LEU B 375 -30.34 39.31 -2.63
N MET B 376 -29.92 38.19 -2.06
CA MET B 376 -30.45 36.90 -2.45
C MET B 376 -31.92 36.77 -2.09
N ASP B 377 -32.25 36.95 -0.81
CA ASP B 377 -33.64 36.83 -0.34
C ASP B 377 -34.55 37.82 -1.04
N LYS B 378 -34.08 39.05 -1.19
CA LYS B 378 -34.86 40.07 -1.86
C LYS B 378 -35.05 39.75 -3.34
N GLY B 379 -33.96 39.44 -4.03
CA GLY B 379 -34.04 39.10 -5.44
C GLY B 379 -34.98 37.92 -5.65
N THR B 380 -35.02 37.02 -4.68
CA THR B 380 -35.90 35.86 -4.73
C THR B 380 -37.35 36.31 -4.55
N LEU B 381 -37.58 37.21 -3.60
CA LEU B 381 -38.92 37.71 -3.34
C LEU B 381 -39.44 38.51 -4.54
N GLU B 382 -38.56 39.23 -5.22
CA GLU B 382 -38.93 40.04 -6.38
C GLU B 382 -39.37 39.15 -7.54
N GLY B 383 -38.74 37.98 -7.65
CA GLY B 383 -39.10 37.05 -8.70
C GLY B 383 -40.40 36.37 -8.33
N LEU B 384 -40.62 36.21 -7.04
CA LEU B 384 -41.83 35.57 -6.51
C LEU B 384 -43.05 36.47 -6.75
N ALA B 385 -42.89 37.76 -6.47
CA ALA B 385 -43.95 38.74 -6.65
C ALA B 385 -44.42 38.74 -8.08
N LYS B 386 -43.46 38.63 -9.00
CA LYS B 386 -43.77 38.61 -10.43
C LYS B 386 -44.64 37.39 -10.73
N TYR B 387 -44.25 36.24 -10.17
CA TYR B 387 -44.99 35.01 -10.37
C TYR B 387 -46.42 35.19 -9.87
N GLN B 388 -46.54 35.84 -8.72
CA GLN B 388 -47.84 36.08 -8.08
C GLN B 388 -48.81 36.90 -8.94
N GLU B 389 -48.30 37.91 -9.62
CA GLU B 389 -49.13 38.74 -10.48
C GLU B 389 -49.70 37.88 -11.61
N ALA B 390 -48.85 37.04 -12.22
CA ALA B 390 -49.28 36.19 -13.31
C ALA B 390 -50.19 35.04 -12.87
N ASN B 391 -49.88 34.42 -11.75
CA ASN B 391 -50.69 33.30 -11.26
C ASN B 391 -52.09 33.76 -10.88
N ALA B 392 -52.19 35.02 -10.45
CA ALA B 392 -53.46 35.60 -10.04
C ALA B 392 -54.42 35.63 -11.24
N ILE B 393 -53.91 36.08 -12.38
CA ILE B 393 -54.68 36.15 -13.62
C ILE B 393 -55.19 34.78 -14.02
N VAL B 394 -54.27 33.84 -14.19
CA VAL B 394 -54.59 32.49 -14.61
C VAL B 394 -55.43 31.71 -13.61
N HIS B 395 -55.31 32.01 -12.33
CA HIS B 395 -56.09 31.28 -11.34
C HIS B 395 -57.57 31.72 -11.30
N LYS B 396 -57.84 32.98 -11.63
CA LYS B 396 -59.23 33.46 -11.64
C LYS B 396 -59.89 32.81 -12.85
N MET B 397 -59.16 32.75 -13.97
CA MET B 397 -59.68 32.14 -15.18
C MET B 397 -60.21 30.75 -14.81
N TYR B 398 -59.34 29.94 -14.20
CA TYR B 398 -59.72 28.60 -13.79
C TYR B 398 -60.97 28.61 -12.90
N GLU B 399 -61.05 29.58 -12.00
CA GLU B 399 -62.20 29.70 -11.12
C GLU B 399 -63.46 29.97 -11.89
N ASP B 400 -63.35 30.82 -12.91
CA ASP B 400 -64.49 31.16 -13.75
C ASP B 400 -64.78 29.98 -14.68
N GLY B 401 -63.80 29.10 -14.81
CA GLY B 401 -63.95 27.94 -15.66
C GLY B 401 -63.76 28.36 -17.09
N THR B 402 -63.01 29.43 -17.30
CA THR B 402 -62.80 29.95 -18.63
C THR B 402 -61.56 29.46 -19.40
N LEU B 403 -60.80 28.54 -18.83
CA LEU B 403 -59.62 28.03 -19.51
C LEU B 403 -60.03 27.17 -20.70
N THR B 404 -59.17 27.12 -21.70
CA THR B 404 -59.46 26.33 -22.90
C THR B 404 -59.74 24.87 -22.58
N GLY B 405 -60.89 24.39 -23.04
CA GLY B 405 -61.29 23.01 -22.84
C GLY B 405 -61.57 22.58 -21.41
N GLN B 406 -61.55 23.54 -20.49
CA GLN B 406 -61.75 23.26 -19.07
C GLN B 406 -63.04 22.52 -18.72
N LYS B 407 -64.05 22.66 -19.56
CA LYS B 407 -65.32 22.04 -19.30
C LYS B 407 -65.74 20.97 -20.30
N THR B 408 -65.19 21.05 -21.50
CA THR B 408 -65.53 20.08 -22.52
C THR B 408 -64.48 19.01 -22.82
N ASN B 409 -63.19 19.32 -22.57
CA ASN B 409 -62.11 18.38 -22.86
C ASN B 409 -60.98 18.42 -21.84
N ARG B 410 -61.31 18.25 -20.56
CA ARG B 410 -60.31 18.28 -19.50
C ARG B 410 -60.38 16.95 -18.76
N PRO B 411 -59.83 15.89 -19.37
CA PRO B 411 -59.81 14.53 -18.81
C PRO B 411 -59.11 14.43 -17.45
N ASN B 412 -59.77 13.78 -16.50
CA ASN B 412 -59.24 13.60 -15.14
C ASN B 412 -57.89 12.91 -15.11
N PRO B 413 -57.06 13.24 -14.10
CA PRO B 413 -55.72 12.65 -13.94
C PRO B 413 -55.81 11.20 -13.47
N PRO B 414 -54.75 10.39 -13.71
CA PRO B 414 -54.72 8.97 -13.31
C PRO B 414 -54.78 8.75 -11.80
N GLU B 415 -55.44 7.67 -11.39
CA GLU B 415 -55.59 7.32 -9.97
C GLU B 415 -54.24 7.03 -9.33
N PRO B 416 -54.06 7.42 -8.06
CA PRO B 416 -55.05 8.12 -7.23
C PRO B 416 -54.95 9.66 -7.22
N GLU B 417 -54.84 10.28 -8.39
CA GLU B 417 -54.74 11.74 -8.41
C GLU B 417 -56.07 12.47 -8.51
N LYS B 418 -56.30 13.37 -7.57
CA LYS B 418 -57.50 14.20 -7.53
C LYS B 418 -57.33 15.33 -8.55
N PRO B 419 -58.38 15.65 -9.34
CA PRO B 419 -58.20 16.73 -10.31
C PRO B 419 -58.05 18.04 -9.56
N GLY B 420 -57.30 18.97 -10.16
CA GLY B 420 -57.07 20.26 -9.54
C GLY B 420 -56.59 21.25 -10.56
N PHE B 421 -55.77 22.20 -10.14
CA PHE B 421 -55.25 23.22 -11.04
C PHE B 421 -53.78 23.47 -10.73
N GLY B 422 -52.98 23.56 -11.80
CA GLY B 422 -51.56 23.81 -11.64
C GLY B 422 -50.88 22.82 -10.71
N ILE B 423 -51.19 21.54 -10.89
CA ILE B 423 -50.60 20.49 -10.06
C ILE B 423 -49.41 19.81 -10.71
N PHE B 424 -48.54 19.22 -9.89
CA PHE B 424 -47.34 18.54 -10.35
C PHE B 424 -47.61 17.48 -11.42
N THR B 425 -48.69 16.72 -11.24
CA THR B 425 -49.07 15.68 -12.20
C THR B 425 -49.20 16.27 -13.60
N GLN B 426 -49.65 17.51 -13.68
CA GLN B 426 -49.83 18.19 -14.97
C GLN B 426 -48.52 18.36 -15.70
N LEU B 427 -47.42 18.26 -14.94
CA LEU B 427 -46.08 18.38 -15.47
C LEU B 427 -45.65 17.07 -16.11
N PHE B 428 -46.16 15.95 -15.60
CA PHE B 428 -45.80 14.63 -16.12
C PHE B 428 -46.92 13.86 -16.80
N TRP B 429 -48.13 14.40 -16.76
CA TRP B 429 -49.27 13.74 -17.38
C TRP B 429 -50.14 14.76 -18.13
N SER B 430 -50.54 14.43 -19.34
CA SER B 430 -51.36 15.32 -20.13
C SER B 430 -52.33 14.57 -21.03
N LYS B 431 -53.57 15.05 -21.09
CA LYS B 431 -54.61 14.45 -21.92
C LYS B 431 -55.62 15.53 -22.32
N GLY B 432 -55.91 15.59 -23.62
CA GLY B 432 -56.84 16.58 -24.11
C GLY B 432 -56.42 17.97 -23.68
N ASN B 433 -57.27 18.64 -22.94
CA ASN B 433 -56.97 19.98 -22.47
C ASN B 433 -56.72 19.99 -20.96
N ASN B 434 -56.10 18.92 -20.48
CA ASN B 434 -55.74 18.84 -19.09
C ASN B 434 -54.24 18.55 -19.04
N PRO B 435 -53.41 19.55 -18.69
CA PRO B 435 -53.82 20.92 -18.37
C PRO B 435 -54.01 21.81 -19.60
N ALA B 436 -54.05 23.12 -19.39
CA ALA B 436 -54.21 24.09 -20.48
C ALA B 436 -52.88 24.84 -20.58
N SER B 437 -52.61 25.50 -21.70
CA SER B 437 -51.36 26.23 -21.84
C SER B 437 -51.12 27.20 -20.68
N LEU B 438 -51.95 28.23 -20.56
CA LEU B 438 -51.78 29.20 -19.49
C LEU B 438 -51.53 28.53 -18.13
N GLU B 439 -52.20 27.40 -17.91
CA GLU B 439 -52.08 26.65 -16.66
C GLU B 439 -50.68 26.04 -16.51
N LEU B 440 -50.22 25.40 -17.58
CA LEU B 440 -48.90 24.77 -17.57
C LEU B 440 -47.85 25.87 -17.51
N LYS B 441 -48.06 26.92 -18.28
CA LYS B 441 -47.15 28.04 -18.33
C LYS B 441 -46.93 28.64 -16.95
N VAL B 442 -48.00 28.74 -16.17
CA VAL B 442 -47.90 29.33 -14.84
C VAL B 442 -47.29 28.34 -13.84
N LEU B 443 -47.33 27.05 -14.20
CA LEU B 443 -46.77 26.00 -13.38
C LEU B 443 -45.25 26.09 -13.58
N GLU B 444 -44.81 25.87 -14.81
CA GLU B 444 -43.39 25.95 -15.16
C GLU B 444 -42.76 27.26 -14.72
N MET B 445 -43.58 28.32 -14.65
CA MET B 445 -43.09 29.63 -14.24
C MET B 445 -42.59 29.55 -12.80
N GLY B 446 -43.25 28.74 -11.98
CA GLY B 446 -42.85 28.59 -10.60
C GLY B 446 -41.88 27.42 -10.42
N GLU B 447 -42.28 26.26 -10.94
CA GLU B 447 -41.49 25.05 -10.83
C GLU B 447 -40.11 25.13 -11.45
N ASN B 448 -40.00 25.79 -12.60
CA ASN B 448 -38.73 25.89 -13.29
C ASN B 448 -38.04 27.24 -13.11
N ASN B 449 -38.58 28.26 -13.77
CA ASN B 449 -38.01 29.61 -13.73
C ASN B 449 -37.80 30.32 -12.40
N LEU B 450 -38.72 30.14 -11.46
CA LEU B 450 -38.59 30.78 -10.15
C LEU B 450 -37.51 30.04 -9.36
N ALA B 451 -37.49 28.72 -9.53
CA ALA B 451 -36.53 27.84 -8.88
C ALA B 451 -35.14 28.18 -9.37
N LYS B 452 -34.95 28.10 -10.68
CA LYS B 452 -33.65 28.42 -11.29
C LYS B 452 -33.18 29.85 -11.03
N MET B 453 -34.08 30.74 -10.65
CA MET B 453 -33.71 32.12 -10.37
C MET B 453 -33.09 32.13 -8.99
N HIS B 454 -33.78 31.54 -8.03
CA HIS B 454 -33.28 31.48 -6.67
C HIS B 454 -31.93 30.74 -6.66
N VAL B 455 -31.84 29.66 -7.43
CA VAL B 455 -30.60 28.89 -7.51
C VAL B 455 -29.49 29.78 -8.04
N GLY B 456 -29.75 30.49 -9.13
CA GLY B 456 -28.75 31.37 -9.70
C GLY B 456 -28.28 32.42 -8.70
N LEU B 457 -29.21 32.91 -7.89
CA LEU B 457 -28.96 33.91 -6.86
C LEU B 457 -28.09 33.34 -5.72
N ALA B 458 -28.49 32.19 -5.19
CA ALA B 458 -27.79 31.52 -4.09
C ALA B 458 -26.39 31.08 -4.44
N HIS B 459 -26.15 30.85 -5.72
CA HIS B 459 -24.84 30.40 -6.19
C HIS B 459 -24.08 31.45 -6.98
N VAL B 460 -24.46 32.71 -6.76
CA VAL B 460 -23.83 33.89 -7.36
C VAL B 460 -23.56 33.85 -8.87
N ASN B 461 -24.58 33.53 -9.67
CA ASN B 461 -24.43 33.50 -11.12
C ASN B 461 -25.36 34.57 -11.68
N PRO B 462 -24.82 35.78 -11.95
CA PRO B 462 -25.58 36.92 -12.48
C PRO B 462 -26.56 36.60 -13.59
N GLY B 463 -26.06 35.98 -14.66
CA GLY B 463 -26.90 35.61 -15.79
C GLY B 463 -27.98 34.62 -15.39
N GLY B 464 -27.71 33.85 -14.34
CA GLY B 464 -28.64 32.84 -13.85
C GLY B 464 -29.91 33.41 -13.24
N TRP B 465 -29.89 34.70 -12.89
CA TRP B 465 -31.08 35.32 -12.32
C TRP B 465 -31.46 36.60 -13.08
N THR B 466 -30.83 36.82 -14.23
CA THR B 466 -31.15 37.98 -15.04
C THR B 466 -31.42 37.57 -16.50
N TYR B 467 -30.41 37.71 -17.35
CA TYR B 467 -30.54 37.41 -18.78
C TYR B 467 -30.89 35.99 -19.17
N THR B 468 -30.02 35.04 -18.83
CA THR B 468 -30.21 33.63 -19.20
C THR B 468 -31.34 32.85 -18.50
N GLU B 469 -31.46 33.05 -17.20
CA GLU B 469 -32.46 32.34 -16.44
C GLU B 469 -33.19 33.21 -15.46
N GLY B 470 -34.18 32.63 -14.81
CA GLY B 470 -34.95 33.38 -13.85
C GLY B 470 -35.75 34.50 -14.47
N TRP B 471 -35.31 35.73 -14.26
CA TRP B 471 -36.02 36.90 -14.76
C TRP B 471 -36.43 36.86 -16.22
N GLY B 472 -35.46 36.85 -17.12
CA GLY B 472 -35.76 36.82 -18.54
C GLY B 472 -36.91 35.87 -18.86
N PRO B 473 -36.77 34.57 -18.54
CA PRO B 473 -37.83 33.59 -18.81
C PRO B 473 -39.15 33.94 -18.13
N MET B 474 -39.10 34.38 -16.88
CA MET B 474 -40.31 34.74 -16.17
C MET B 474 -41.03 35.93 -16.83
N ASN B 475 -40.25 36.83 -17.44
CA ASN B 475 -40.80 37.98 -18.11
C ASN B 475 -41.57 37.49 -19.33
N ARG B 476 -40.96 36.58 -20.06
CA ARG B 476 -41.58 36.03 -21.26
C ARG B 476 -42.92 35.39 -20.94
N ALA B 477 -42.93 34.52 -19.92
CA ALA B 477 -44.15 33.84 -19.49
C ALA B 477 -45.28 34.83 -19.18
N TYR B 478 -44.93 35.92 -18.50
CA TYR B 478 -45.88 36.96 -18.12
C TYR B 478 -46.43 37.67 -19.35
N VAL B 479 -45.55 38.04 -20.26
CA VAL B 479 -45.93 38.72 -21.48
C VAL B 479 -46.90 37.86 -22.29
N GLU B 480 -46.64 36.57 -22.33
CA GLU B 480 -47.48 35.65 -23.08
C GLU B 480 -48.81 35.34 -22.39
N ILE B 481 -48.83 35.42 -21.06
CA ILE B 481 -50.05 35.15 -20.29
C ILE B 481 -51.09 36.26 -20.52
N GLN B 482 -50.67 37.51 -20.39
CA GLN B 482 -51.55 38.66 -20.59
C GLN B 482 -52.00 38.68 -22.04
N ASP B 483 -51.05 38.52 -22.95
CA ASP B 483 -51.36 38.50 -24.37
C ASP B 483 -52.52 37.55 -24.68
N GLU B 484 -52.39 36.29 -24.31
CA GLU B 484 -53.45 35.31 -24.54
C GLU B 484 -54.74 35.66 -23.82
N TYR B 485 -54.62 36.25 -22.63
CA TYR B 485 -55.78 36.64 -21.84
C TYR B 485 -56.59 37.70 -22.58
N THR B 486 -55.92 38.76 -22.99
CA THR B 486 -56.58 39.84 -23.73
C THR B 486 -57.22 39.27 -24.99
N LYS B 487 -56.50 38.37 -25.67
CA LYS B 487 -57.04 37.75 -26.87
C LYS B 487 -58.29 36.95 -26.50
N MET B 488 -58.23 36.26 -25.36
CA MET B 488 -59.34 35.43 -24.91
C MET B 488 -60.56 36.27 -24.57
N GLN B 489 -60.33 37.54 -24.25
CA GLN B 489 -61.44 38.44 -23.95
C GLN B 489 -62.06 38.88 -25.27
N GLU B 490 -61.20 39.24 -26.23
CA GLU B 490 -61.64 39.66 -27.56
C GLU B 490 -62.58 38.63 -28.14
N LEU B 491 -62.10 37.39 -28.17
CA LEU B 491 -62.86 36.28 -28.70
C LEU B 491 -64.25 36.18 -28.04
N SER B 492 -64.30 36.35 -26.73
CA SER B 492 -65.57 36.24 -26.02
C SER B 492 -66.49 37.43 -26.30
N ALA B 493 -65.90 38.61 -26.49
CA ALA B 493 -66.67 39.82 -26.78
C ALA B 493 -67.43 39.66 -28.10
N LEU B 494 -66.73 39.18 -29.12
CA LEU B 494 -67.30 38.94 -30.45
C LEU B 494 -68.39 37.87 -30.33
N GLN B 495 -68.13 36.90 -29.45
CA GLN B 495 -69.04 35.80 -29.18
C GLN B 495 -70.36 36.35 -28.66
N ALA B 496 -70.26 37.29 -27.72
CA ALA B 496 -71.43 37.91 -27.11
C ALA B 496 -72.20 38.70 -28.15
N ARG B 497 -71.48 39.43 -29.00
CA ARG B 497 -72.10 40.23 -30.04
C ARG B 497 -72.92 39.42 -31.04
N VAL B 498 -72.54 38.16 -31.24
CA VAL B 498 -73.28 37.31 -32.17
C VAL B 498 -74.71 37.08 -31.66
N ASN B 499 -75.64 37.86 -32.21
CA ASN B 499 -77.07 37.82 -31.87
C ASN B 499 -77.93 37.67 -33.12
CHA HEM C . 13.68 -5.66 23.60
CHB HEM C . 10.73 -8.00 20.59
CHC HEM C . 6.98 -6.67 23.29
CHD HEM C . 9.82 -3.57 25.60
C1A HEM C . 13.21 -6.57 22.67
C2A HEM C . 14.03 -7.27 21.72
C3A HEM C . 13.22 -7.86 20.82
C4A HEM C . 11.87 -7.53 21.24
CMA HEM C . 13.66 -8.71 19.65
CAA HEM C . 15.54 -7.37 21.68
CBA HEM C . 16.07 -8.22 22.82
CGA HEM C . 17.58 -8.20 22.92
O1A HEM C . 18.18 -7.12 22.77
O2A HEM C . 18.16 -9.27 23.16
C1B HEM C . 9.45 -7.82 21.07
C2B HEM C . 8.33 -8.50 20.53
C3B HEM C . 7.29 -8.21 21.36
C4B HEM C . 7.78 -7.32 22.39
CMB HEM C . 8.28 -9.34 19.28
CAB HEM C . 5.89 -8.85 21.35
CBB HEM C . 5.92 -10.37 21.58
C1C HEM C . 7.41 -5.74 24.19
C2C HEM C . 6.57 -4.99 25.08
C3C HEM C . 7.39 -4.04 25.62
C4C HEM C . 8.70 -4.24 25.14
CMC HEM C . 5.08 -5.21 25.36
CAC HEM C . 7.05 -2.84 26.44
CBC HEM C . 6.12 -2.89 27.63
C1D HEM C . 11.13 -3.84 25.23
C2D HEM C . 12.31 -3.24 25.81
C3D HEM C . 13.38 -3.84 25.32
C4D HEM C . 12.88 -4.83 24.39
CMD HEM C . 12.34 -2.23 26.92
CAD HEM C . 14.81 -3.57 25.77
CBD HEM C . 15.51 -4.77 26.40
CGD HEM C . 17.01 -4.55 26.54
O1D HEM C . 17.59 -4.98 27.55
O2D HEM C . 17.61 -3.97 25.61
NA HEM C . 11.87 -6.73 22.38
NB HEM C . 9.12 -7.09 22.22
NC HEM C . 8.73 -5.28 24.26
ND HEM C . 11.49 -4.83 24.36
FE HEM C . 10.29 -5.98 23.35
CHA HEM D . 16.92 -7.96 15.68
CHB HEM D . 12.96 -5.73 17.43
CHC HEM D . 10.44 -7.11 13.59
CHD HEM D . 14.14 -9.81 12.17
C1A HEM D . 16.09 -7.15 16.48
C2A HEM D . 16.49 -6.40 17.69
C3A HEM D . 15.38 -5.70 18.08
C4A HEM D . 14.28 -6.10 17.24
CMA HEM D . 15.27 -4.58 19.09
CAA HEM D . 17.77 -6.53 18.52
CBA HEM D . 19.12 -6.25 17.88
CGA HEM D . 19.19 -4.89 17.23
O1A HEM D . 18.85 -3.90 17.90
O2A HEM D . 19.61 -4.80 16.06
C1B HEM D . 11.92 -5.90 16.51
C2B HEM D . 10.65 -5.14 16.54
C3B HEM D . 9.97 -5.51 15.42
C4B HEM D . 10.82 -6.43 14.71
CMB HEM D . 10.22 -4.07 17.52
CAB HEM D . 8.57 -5.03 14.98
CBB HEM D . 8.42 -3.55 14.69
C1C HEM D . 11.18 -8.04 12.92
C2C HEM D . 10.67 -8.88 11.86
C3C HEM D . 11.70 -9.70 11.51
C4C HEM D . 12.86 -9.31 12.31
CMC HEM D . 9.28 -8.81 11.23
CAC HEM D . 11.66 -10.87 10.54
CBC HEM D . 11.54 -10.48 9.07
C1D HEM D . 15.25 -9.50 12.93
C2D HEM D . 16.62 -9.99 12.68
C3D HEM D . 17.37 -9.51 13.72
C4D HEM D . 16.51 -8.70 14.57
CMD HEM D . 17.12 -10.70 11.41
CAD HEM D . 18.85 -9.79 13.91
CBD HEM D . 19.19 -10.85 14.96
CGD HEM D . 20.69 -11.12 15.09
O1D HEM D . 21.49 -10.17 14.99
O2D HEM D . 21.06 -12.30 15.30
NA HEM D . 14.72 -6.95 16.21
NB HEM D . 12.04 -6.63 15.34
NC HEM D . 12.53 -8.34 13.21
ND HEM D . 15.21 -8.66 14.04
FE HEM D . 13.65 -7.62 14.68
CHA HEM E . 9.40 -10.39 1.51
CHB HEM E . 13.61 -11.24 3.65
CHC HEM E . 11.31 -13.48 7.25
CHD HEM E . 7.36 -13.67 4.43
C1A HEM E . 10.72 -10.27 1.90
C2A HEM E . 11.76 -9.57 1.16
C3A HEM E . 12.97 -9.95 1.62
C4A HEM E . 12.68 -10.84 2.73
CMA HEM E . 14.31 -9.50 1.07
CAA HEM E . 11.56 -8.55 0.06
CBA HEM E . 10.97 -7.22 0.46
CGA HEM E . 10.88 -6.27 -0.71
O1A HEM E . 9.79 -5.73 -0.97
O2A HEM E . 11.90 -6.07 -1.38
C1B HEM E . 13.31 -11.85 4.85
C2B HEM E . 14.33 -12.32 5.73
C3B HEM E . 13.70 -12.92 6.80
C4B HEM E . 12.28 -12.82 6.52
CMB HEM E . 15.83 -12.12 5.49
CAB HEM E . 14.33 -13.53 8.06
CBB HEM E . 14.86 -12.52 9.05
C1C HEM E . 10.02 -13.74 6.80
C2C HEM E . 9.11 -14.67 7.44
C3C HEM E . 8.03 -14.76 6.62
C4C HEM E . 8.27 -13.89 5.47
CMC HEM E . 9.31 -15.40 8.76
CAC HEM E . 6.80 -15.67 6.83
CBC HEM E . 5.87 -15.33 7.97
C1D HEM E . 7.54 -12.76 3.39
C2D HEM E . 6.61 -12.48 2.34
C3D HEM E . 7.15 -11.49 1.55
C4D HEM E . 8.46 -11.24 2.08
CMD HEM E . 5.29 -13.16 2.13
CAD HEM E . 6.46 -10.71 0.46
CBD HEM E . 6.57 -11.31 -0.92
CGD HEM E . 7.99 -11.31 -1.47
O1D HEM E . 8.60 -12.39 -1.56
O2D HEM E . 8.50 -10.22 -1.78
NA HEM E . 11.29 -11.02 2.92
NB HEM E . 12.05 -12.18 5.30
NC HEM E . 9.50 -13.26 5.59
ND HEM E . 8.70 -12.02 3.22
FE HEM E . 10.33 -12.01 4.33
FE HEC F . 37.88 -13.63 6.53
CHA HEC F . 37.64 -15.50 3.79
CHB HEC F . 38.34 -16.39 8.52
CHC HEC F . 38.74 -11.57 9.06
CHD HEC F . 36.16 -11.05 5.00
NA HEC F . 38.08 -15.54 6.16
C1A HEC F . 38.08 -16.14 4.93
C2A HEC F . 38.32 -17.60 5.03
C3A HEC F . 38.41 -17.85 6.39
C4A HEC F . 38.26 -16.58 7.08
CMA HEC F . 38.75 -19.18 7.08
CAA HEC F . 38.67 -18.53 3.84
CBA HEC F . 37.70 -19.57 3.25
CGA HEC F . 37.51 -20.79 4.13
O1A HEC F . 36.37 -21.28 4.26
O2A HEC F . 38.50 -21.30 4.69
NB HEC F . 38.61 -13.95 8.35
C1B HEC F . 38.69 -15.13 9.06
C2B HEC F . 39.18 -14.89 10.39
C3B HEC F . 39.49 -13.55 10.50
C4B HEC F . 39.11 -12.99 9.22
CMB HEC F . 39.16 -15.94 11.49
CAB HEC F . 40.06 -12.75 11.71
CBB HEC F . 40.97 -13.40 12.76
NC HEC F . 37.36 -11.74 7.00
C1C HEC F . 37.73 -11.02 8.14
C2C HEC F . 37.09 -9.72 8.15
C3C HEC F . 36.33 -9.65 7.03
C4C HEC F . 36.57 -10.85 6.29
CMC HEC F . 37.23 -8.65 9.24
CAC HEC F . 35.33 -8.58 6.68
CBC HEC F . 35.92 -7.23 6.30
ND HEC F . 37.09 -13.33 4.78
C1D HEC F . 36.39 -12.22 4.29
C2D HEC F . 35.88 -12.45 2.97
C3D HEC F . 36.30 -13.69 2.64
C4D HEC F . 37.06 -14.23 3.75
CMD HEC F . 35.04 -11.54 2.10
CAD HEC F . 36.11 -14.36 1.31
CBD HEC F . 37.35 -14.11 0.48
CGD HEC F . 37.29 -14.80 -0.85
O1D HEC F . 37.21 -14.08 -1.89
O2D HEC F . 37.32 -16.05 -0.86
CHA HEM G . 16.24 -11.48 -2.60
CHB HEM G . 15.58 -14.08 1.39
CHC HEM G . 20.34 -14.03 2.21
CHD HEM G . 21.00 -11.18 -1.61
C1A HEM G . 15.64 -12.20 -1.58
C2A HEM G . 14.23 -12.50 -1.45
C3A HEM G . 14.05 -13.13 -0.29
C4A HEM G . 15.34 -13.28 0.30
CMA HEM G . 12.72 -13.60 0.23
CAA HEM G . 13.13 -12.20 -2.45
CBA HEM G . 12.53 -10.83 -2.25
CGA HEM G . 11.83 -10.31 -3.47
O1A HEM G . 10.62 -10.04 -3.40
O2A HEM G . 12.49 -10.18 -4.53
C1B HEM G . 16.83 -14.39 1.88
C2B HEM G . 17.07 -15.35 2.93
C3B HEM G . 18.42 -15.33 3.20
C4B HEM G . 19.01 -14.39 2.25
CMB HEM G . 16.04 -16.29 3.51
CAB HEM G . 19.20 -16.19 4.18
CBB HEM G . 19.25 -17.66 3.80
C1C HEM G . 20.94 -13.14 1.33
C2C HEM G . 22.36 -12.75 1.34
C3C HEM G . 22.50 -12.00 0.24
C4C HEM G . 21.23 -11.88 -0.43
CMC HEM G . 23.49 -13.11 2.36
CAC HEM G . 23.79 -11.33 -0.21
CBC HEM G . 24.92 -12.18 -0.76
C1D HEM G . 19.77 -11.04 -2.24
C2D HEM G . 19.56 -10.42 -3.55
C3D HEM G . 18.22 -10.51 -3.80
C4D HEM G . 17.60 -11.15 -2.66
CMD HEM G . 20.64 -9.86 -4.50
CAD HEM G . 17.60 -10.24 -5.15
CBD HEM G . 17.82 -11.42 -6.09
CGD HEM G . 17.09 -11.25 -7.41
O1D HEM G . 16.59 -10.15 -7.70
O2D HEM G . 17.02 -12.23 -8.19
NA HEM G . 16.34 -12.69 -0.49
NB HEM G . 18.03 -13.83 1.40
NC HEM G . 20.26 -12.57 0.24
ND HEM G . 18.57 -11.53 -1.71
FE HEM G . 18.32 -12.64 -0.15
CHA HEM H . 32.17 -15.56 0.25
CHB HEM H . 30.21 -12.66 -3.06
CHC HEM H . 27.90 -10.30 0.46
CHD HEM H . 30.94 -12.31 3.54
C1A HEM H . 31.70 -15.07 -0.96
C2A HEM H . 31.97 -15.64 -2.27
C3A HEM H . 31.56 -14.75 -3.22
C4A HEM H . 30.95 -13.67 -2.48
CMA HEM H . 31.65 -14.91 -4.72
CAA HEM H . 32.41 -17.07 -2.49
CBA HEM H . 33.79 -17.38 -1.92
CGA HEM H . 34.88 -17.33 -2.97
O1A HEM H . 35.69 -16.38 -2.93
O2A HEM H . 34.96 -18.26 -3.81
C1B HEM H . 29.38 -11.79 -2.38
C2B HEM H . 28.53 -10.82 -3.04
C3B HEM H . 27.89 -10.09 -2.03
C4B HEM H . 28.35 -10.68 -0.77
CMB HEM H . 28.45 -10.67 -4.57
CAB HEM H . 26.86 -8.90 -2.20
CBB HEM H . 25.54 -9.26 -2.89
C1C HEM H . 28.44 -10.75 1.66
C2C HEM H . 28.28 -10.02 2.92
C3C HEM H . 29.27 -10.47 3.78
C4C HEM H . 29.96 -11.52 3.02
CMC HEM H . 27.31 -8.88 3.15
CAC HEM H . 29.67 -10.03 5.23
CBC HEM H . 28.72 -10.29 6.40
C1D HEM H . 31.63 -13.32 2.91
C2D HEM H . 32.53 -14.21 3.57
C3D HEM H . 32.77 -15.23 2.75
C4D HEM H . 32.11 -14.89 1.45
CMD HEM H . 33.15 -14.04 4.93
CAD HEM H . 33.27 -16.52 3.38
CBD HEM H . 33.99 -17.64 2.64
CGD HEM H . 34.38 -18.76 3.58
O1D HEM H . 33.96 -19.92 3.37
O2D HEM H . 35.12 -18.48 4.55
NA HEM H . 31.03 -13.86 -1.10
NB HEM H . 29.28 -11.70 -0.99
NC HEM H . 29.50 -11.67 1.73
ND HEM H . 31.40 -13.70 1.60
FE HEM H . 30.29 -12.77 0.31
CHA HEM I . 35.80 -13.01 -8.37
CHB HEM I . 33.13 -10.51 -5.24
CHC HEM I . 31.69 -7.68 -8.78
CHD HEM I . 33.38 -10.88 -11.89
C1A HEM I . 35.17 -12.62 -7.19
C2A HEM I . 35.27 -13.33 -5.90
C3A HEM I . 34.51 -12.61 -5.02
C4A HEM I . 33.91 -11.51 -5.79
CMA HEM I . 34.47 -12.77 -3.52
CAA HEM I . 36.16 -14.52 -5.52
CBA HEM I . 35.93 -15.95 -6.03
CGA HEM I . 36.31 -16.16 -7.49
O1A HEM I . 35.44 -16.59 -8.27
O2A HEM I . 37.47 -15.90 -7.85
C1B HEM I . 32.66 -9.40 -5.90
C2B HEM I . 32.06 -8.24 -5.28
C3B HEM I . 31.71 -7.39 -6.28
C4B HEM I . 32.10 -8.06 -7.52
CMB HEM I . 31.89 -7.99 -3.80
CAB HEM I . 31.18 -5.96 -6.22
CBB HEM I . 32.07 -4.94 -5.57
C1C HEM I . 31.92 -8.36 -9.97
C2C HEM I . 31.41 -7.99 -11.28
C3C HEM I . 31.66 -9.02 -12.09
C4C HEM I . 32.56 -9.91 -11.34
CMC HEM I . 30.85 -6.64 -11.71
CAC HEM I . 31.03 -9.30 -13.48
CBC HEM I . 31.58 -8.39 -14.55
C1D HEM I . 34.34 -11.64 -11.23
C2D HEM I . 35.23 -12.61 -11.84
C3D HEM I . 35.92 -13.18 -10.83
C4D HEM I . 35.46 -12.59 -9.62
CMD HEM I . 35.36 -12.97 -13.32
CAD HEM I . 36.97 -14.24 -10.97
CBD HEM I . 36.28 -15.55 -11.25
CGD HEM I . 37.22 -16.73 -11.25
O1D HEM I . 37.40 -17.34 -10.18
O2D HEM I . 37.77 -17.06 -12.32
NA HEM I . 34.31 -11.53 -7.11
NB HEM I . 32.76 -9.26 -7.27
NC HEM I . 32.67 -9.52 -10.03
ND HEM I . 34.52 -11.61 -9.86
FE HEM I . 33.66 -10.42 -8.58
CHA HEM J . 34.11 -2.25 -19.92
CHB HEM J . 35.51 -6.89 -19.58
CHC HEM J . 30.97 -8.02 -18.30
CHD HEM J . 29.49 -3.68 -19.98
C1A HEM J . 34.85 -3.40 -19.90
C2A HEM J . 36.21 -3.43 -20.32
C3A HEM J . 36.65 -4.70 -20.08
C4A HEM J . 35.51 -5.50 -19.78
CMA HEM J . 38.09 -5.15 -20.10
CAA HEM J . 36.78 -2.49 -21.35
CBA HEM J . 37.58 -1.28 -20.93
CGA HEM J . 38.16 -0.55 -22.12
O1A HEM J . 37.62 -0.70 -23.25
O2A HEM J . 39.17 0.18 -21.94
C1B HEM J . 34.39 -7.63 -19.17
C2B HEM J . 34.37 -9.05 -18.87
C3B HEM J . 33.14 -9.36 -18.41
C4B HEM J . 32.36 -8.10 -18.48
CMB HEM J . 35.52 -10.01 -19.09
CAB HEM J . 32.61 -10.69 -17.85
CBB HEM J . 33.06 -11.01 -16.44
C1C HEM J . 30.15 -6.93 -18.69
C2C HEM J . 28.70 -6.96 -18.69
C3C HEM J . 28.31 -5.78 -19.22
C4C HEM J . 29.49 -5.01 -19.53
CMC HEM J . 27.79 -8.08 -18.13
CAC HEM J . 26.90 -5.41 -19.61
CBC HEM J . 25.94 -4.96 -18.54
C1D HEM J . 30.63 -2.87 -20.12
C2D HEM J . 30.65 -1.42 -20.41
C3D HEM J . 31.93 -1.03 -20.36
C4D HEM J . 32.73 -2.22 -19.98
CMD HEM J . 29.48 -0.52 -20.76
CAD HEM J . 32.49 0.33 -20.76
CBD HEM J . 33.08 0.31 -22.17
CGD HEM J . 34.03 1.46 -22.45
O1D HEM J . 34.65 1.97 -21.50
O2D HEM J . 34.19 1.83 -23.62
NA HEM J . 34.37 -4.68 -19.68
NB HEM J . 33.11 -7.04 -18.96
NC HEM J . 30.62 -5.73 -19.21
ND HEM J . 31.93 -3.35 -19.85
FE HEM J . 32.50 -5.18 -19.39
CHA HEM K . -22.87 -11.84 -10.37
CHB HEM K . -21.14 -11.44 -5.93
CHC HEM K . -18.77 -15.61 -6.50
CHD HEM K . -19.93 -15.54 -11.18
C1A HEM K . -22.72 -11.43 -9.06
C2A HEM K . -23.25 -10.25 -8.50
C3A HEM K . -22.74 -10.10 -7.28
C4A HEM K . -21.87 -11.22 -7.07
CMA HEM K . -23.14 -9.01 -6.29
CAA HEM K . -24.32 -9.38 -9.12
CBA HEM K . -25.62 -10.15 -9.16
CGA HEM K . -26.76 -9.33 -9.69
O1A HEM K . -26.61 -8.71 -10.75
O2A HEM K . -27.82 -9.30 -9.03
C1B HEM K . -20.37 -12.56 -5.70
C2B HEM K . -19.75 -12.85 -4.43
C3B HEM K . -19.12 -14.05 -4.58
C4B HEM K . -19.32 -14.47 -5.94
CMB HEM K . -19.90 -12.03 -3.16
CAB HEM K . -18.45 -14.91 -3.49
CBB HEM K . -19.41 -15.53 -2.49
C1C HEM K . -18.95 -16.02 -7.82
C2C HEM K . -18.23 -17.10 -8.46
C3C HEM K . -18.46 -16.97 -9.78
C4C HEM K . -19.36 -15.87 -9.97
CMC HEM K . -17.42 -18.17 -7.77
CAC HEM K . -17.85 -17.66 -10.97
CBC HEM K . -17.67 -19.17 -11.02
C1D HEM K . -20.94 -14.64 -11.32
C2D HEM K . -21.68 -14.43 -12.54
C3D HEM K . -22.45 -13.35 -12.34
C4D HEM K . -22.28 -12.95 -10.97
CMD HEM K . -21.69 -15.35 -13.75
CAD HEM K . -23.34 -12.65 -13.33
CBD HEM K . -24.77 -13.14 -13.31
CGD HEM K . -25.68 -12.21 -14.07
O1D HEM K . -25.91 -11.09 -13.57
O2D HEM K . -26.15 -12.57 -15.18
NA HEM K . -21.88 -12.06 -8.16
NB HEM K . -20.14 -13.57 -6.61
NC HEM K . -19.68 -15.28 -8.77
ND HEM K . -21.38 -13.79 -10.32
FE HEM K . -20.82 -13.72 -8.49
CHA HEM L . -23.12 -3.91 -6.74
CHB HEM L . -19.78 -7.26 -7.64
CHC HEM L . -17.28 -5.72 -3.86
CHD HEM L . -20.75 -2.57 -2.82
C1A HEM L . -22.41 -4.95 -7.37
C2A HEM L . -22.80 -5.64 -8.61
C3A HEM L . -21.81 -6.55 -8.88
C4A HEM L . -20.87 -6.43 -7.81
CMA HEM L . -21.65 -7.42 -10.12
CAA HEM L . -24.10 -5.44 -9.41
CBA HEM L . -24.48 -4.06 -9.89
CGA HEM L . -23.55 -3.53 -10.96
O1A HEM L . -23.05 -4.32 -11.78
O2A HEM L . -23.33 -2.30 -11.00
C1B HEM L . -18.80 -7.12 -6.66
C2B HEM L . -17.60 -7.90 -6.62
C3B HEM L . -16.84 -7.43 -5.60
C4B HEM L . -17.62 -6.38 -5.01
CMB HEM L . -17.27 -9.04 -7.57
CAB HEM L . -15.44 -7.87 -5.20
CBB HEM L . -14.39 -7.70 -6.28
C1C HEM L . -18.03 -4.74 -3.23
C2C HEM L . -17.64 -4.13 -1.97
C3C HEM L . -18.71 -3.39 -1.58
C4C HEM L . -19.68 -3.44 -2.70
CMC HEM L . -16.30 -4.29 -1.27
CAC HEM L . -18.91 -2.75 -0.20
CBC HEM L . -17.92 -1.62 0.00
C1D HEM L . -21.62 -2.53 -3.89
C2D HEM L . -22.73 -1.58 -4.00
C3D HEM L . -23.38 -1.96 -5.13
C4D HEM L . -22.69 -3.14 -5.67
CMD HEM L . -23.14 -0.44 -3.06
CAD HEM L . -24.64 -1.31 -5.70
CBD HEM L . -25.92 -1.96 -5.16
CGD HEM L . -27.20 -1.38 -5.78
O1D HEM L . -28.21 -1.28 -5.05
O2D HEM L . -27.18 -1.07 -6.99
NA HEM L . -21.20 -5.41 -6.91
NB HEM L . -18.80 -6.16 -5.67
NC HEM L . -19.27 -4.30 -3.67
ND HEM L . -21.57 -3.43 -4.94
FE HEM L . -20.19 -4.77 -5.34
CHA HEM M . -13.01 3.29 3.71
CHB HEM M . -17.43 4.01 1.80
CHC HEM M . -18.66 -0.48 3.26
CHD HEM M . -14.78 -0.47 6.19
C1A HEM M . -14.07 3.84 2.97
C2A HEM M . -14.05 5.10 2.26
C3A HEM M . -15.30 5.39 1.81
C4A HEM M . -16.11 4.25 2.23
CMA HEM M . -15.72 6.72 1.18
CAA HEM M . -12.82 5.98 2.09
CBA HEM M . -11.97 5.70 0.86
CGA HEM M . -10.75 6.60 0.80
O1A HEM M . -9.84 6.43 1.63
O2A HEM M . -10.69 7.48 -0.08
C1B HEM M . -18.17 2.86 2.07
C2B HEM M . -19.49 2.60 1.56
C3B HEM M . -19.84 1.31 1.88
C4B HEM M . -18.70 0.79 2.64
CMB HEM M . -20.36 3.59 0.80
CAB HEM M . -21.14 0.52 1.50
CBB HEM M . -21.32 0.25 0.01
C1C HEM M . -17.73 -0.89 4.20
C2C HEM M . -17.90 -2.02 5.10
C3C HEM M . -16.83 -1.99 5.95
C4C HEM M . -15.99 -0.84 5.57
CMC HEM M . -19.03 -3.03 5.18
CAC HEM M . -16.57 -2.91 7.17
CBC HEM M . -16.01 -4.29 6.86
C1D HEM M . -13.96 0.57 5.79
C2D HEM M . -12.68 0.93 6.39
C3D HEM M . -12.12 1.93 5.67
C4D HEM M . -13.09 2.21 4.61
CMD HEM M . -12.11 0.32 7.65
CAD HEM M . -10.74 2.60 5.94
CBD HEM M . -10.63 3.80 6.88
CGD HEM M . -11.46 4.99 6.40
O1D HEM M . -12.66 5.08 6.79
O2D HEM M . -10.94 5.83 5.63
NA HEM M . -15.35 3.32 2.97
NB HEM M . -17.69 1.75 2.76
NC HEM M . -16.58 -0.14 4.52
ND HEM M . -14.24 1.41 4.74
FE HEM M . -15.92 1.58 3.75
FE HEC N . -37.12 15.12 -7.88
CHA HEC N . -36.92 17.27 -5.27
CHB HEC N . -39.92 13.52 -6.60
CHC HEC N . -37.61 13.59 -10.87
CHD HEC N . -33.76 15.56 -8.56
NA HEC N . -38.20 15.43 -6.26
C1A HEC N . -38.06 16.45 -5.34
C2A HEC N . -39.27 16.47 -4.44
C3A HEC N . -40.10 15.44 -4.82
C4A HEC N . -39.37 14.75 -5.90
CMA HEC N . -41.56 15.15 -4.42
CAA HEC N . -39.59 17.47 -3.33
CBA HEC N . -39.01 17.17 -1.94
CGA HEC N . -39.87 16.25 -1.06
O1A HEC N . -40.58 15.36 -1.58
O2A HEC N . -39.84 16.42 0.19
NB HEC N . -38.62 14.03 -8.65
C1B HEC N . -39.65 13.38 -8.01
C2B HEC N . -40.39 12.58 -8.92
C3B HEC N . -39.90 12.80 -10.14
C4B HEC N . -38.79 13.66 -9.97
CMB HEC N . -41.41 11.53 -8.51
CAB HEC N . -40.36 12.32 -11.49
CBB HEC N . -41.83 12.01 -11.75
NC HEC N . -35.90 14.68 -9.40
C1C HEC N . -36.21 13.95 -10.53
C2C HEC N . -35.05 13.65 -11.30
C3C HEC N . -34.01 14.24 -10.67
C4C HEC N . -34.53 14.89 -9.51
CMC HEC N . -35.03 12.74 -12.53
CAC HEC N . -32.53 14.05 -10.97
CBC HEC N . -31.94 14.87 -12.11
ND HEC N . -35.67 16.26 -7.13
C1D HEC N . -34.30 16.25 -7.47
C2D HEC N . -33.56 17.17 -6.66
C3D HEC N . -34.45 17.74 -5.81
C4D HEC N . -35.78 17.17 -6.09
CMD HEC N . -32.09 17.51 -6.77
CAD HEC N . -34.03 18.70 -4.70
CBD HEC N . -34.65 20.08 -4.75
CGD HEC N . -34.23 20.94 -3.57
O1D HEC N . -33.22 21.66 -3.71
O2D HEC N . -34.89 20.89 -2.52
CHA HEM O . -16.68 10.59 3.38
CHB HEM O . -19.35 6.69 4.18
CHC HEM O . -22.95 8.59 1.66
CHD HEM O . -20.22 12.45 0.63
C1A HEM O . -17.09 9.34 3.79
C2A HEM O . -16.31 8.48 4.65
C3A HEM O . -17.01 7.37 4.84
C4A HEM O . -18.28 7.54 4.12
CMA HEM O . -16.48 6.18 5.62
CAA HEM O . -14.95 8.75 5.27
CBA HEM O . -13.81 8.28 4.38
CGA HEM O . -12.53 9.04 4.64
O1A HEM O . -12.58 10.30 4.62
O2A HEM O . -11.48 8.40 4.85
C1B HEM O . -20.66 6.98 3.76
C2B HEM O . -21.80 6.11 3.92
C3B HEM O . -22.84 6.67 3.24
C4B HEM O . -22.30 7.87 2.64
CMB HEM O . -21.89 4.85 4.77
CAB HEM O . -24.34 6.26 3.23
CBB HEM O . -25.06 6.56 4.55
C1C HEM O . -22.51 9.80 1.09
C2C HEM O . -23.32 10.64 0.23
C3C HEM O . -22.56 11.73 -0.03
C4C HEM O . -21.30 11.58 0.69
CMC HEM O . -24.74 10.35 -0.27
CAC HEM O . -22.94 12.84 -1.01
CBC HEM O . -24.01 13.84 -0.56
C1D HEM O . -19.02 12.29 1.30
C2D HEM O . -17.91 13.28 1.34
C3D HEM O . -16.98 12.77 2.19
C4D HEM O . -17.45 11.47 2.63
CMD HEM O . -17.75 14.62 0.63
CAD HEM O . -15.83 13.55 2.72
CBD HEM O . -16.08 13.89 4.18
CGD HEM O . -15.20 15.01 4.68
O1D HEM O . -14.21 15.36 4.01
O2D HEM O . -15.49 15.55 5.75
NA HEM O . -18.33 8.78 3.48
NB HEM O . -20.99 8.10 3.00
NC HEM O . -21.27 10.39 1.38
ND HEM O . -18.72 11.18 2.11
FE HEM O . -19.83 9.63 2.49
CHA HEM P . -31.47 17.04 -1.34
CHB HEM P . -27.00 18.80 -1.43
CHC HEM P . -25.60 14.92 -3.99
CHD HEM P . -30.22 14.21 -4.99
C1A HEM P . -30.34 17.75 -1.00
C2A HEM P . -30.31 18.82 -0.07
C3A HEM P . -29.08 19.45 -0.19
C4A HEM P . -28.35 18.63 -1.12
CMA HEM P . -28.56 20.77 0.39
CAA HEM P . -31.44 19.02 0.94
CBA HEM P . -32.11 20.37 1.21
CGA HEM P . -32.79 20.98 -0.01
O1A HEM P . -32.36 20.69 -1.15
O2A HEM P . -33.74 21.78 0.17
C1B HEM P . -26.19 17.86 -2.09
C2B HEM P . -24.77 18.01 -2.34
C3B HEM P . -24.36 16.92 -3.06
C4B HEM P . -25.55 16.10 -3.24
CMB HEM P . -23.98 19.24 -1.92
CAB HEM P . -22.94 16.55 -3.54
CBB HEM P . -21.92 16.17 -2.47
C1C HEM P . -26.76 14.26 -4.34
C2C HEM P . -26.84 13.18 -5.28
C3C HEM P . -28.15 13.08 -5.64
C4C HEM P . -28.86 14.09 -4.92
CMC HEM P . -25.71 12.37 -5.86
CAC HEM P . -28.82 12.05 -6.55
CBC HEM P . -28.76 10.57 -6.21
C1D HEM P . -30.96 14.85 -4.05
C2D HEM P . -32.37 14.76 -3.99
C3D HEM P . -32.79 15.53 -2.96
C4D HEM P . -31.56 16.07 -2.35
CMD HEM P . -33.24 13.93 -4.90
CAD HEM P . -34.26 15.80 -2.68
CBD HEM P . -34.71 15.49 -1.27
CGD HEM P . -36.20 15.24 -1.17
O1D HEM P . -36.75 15.37 -0.06
O2D HEM P . -36.81 14.88 -2.19
NA HEM P . -29.11 17.59 -1.60
NB HEM P . -26.66 16.71 -2.67
NC HEM P . -28.04 14.77 -4.07
ND HEM P . -30.43 15.65 -3.06
FE HEM P . -28.55 16.18 -2.81
CHA HEM Q . -28.81 26.17 -1.70
CHB HEM Q . -26.90 22.30 -3.86
CHC HEM Q . -22.75 24.61 -4.37
CHD HEM Q . -24.36 27.80 -1.16
C1A HEM Q . -28.67 24.89 -2.20
C2A HEM Q . -29.72 23.87 -2.20
C3A HEM Q . -29.25 22.86 -2.98
C4A HEM Q . -27.84 23.16 -3.27
CMA HEM Q . -30.10 21.75 -3.55
CAA HEM Q . -31.04 23.85 -1.43
CBA HEM Q . -30.97 23.68 0.09
CGA HEM Q . -30.33 24.85 0.80
O1A HEM Q . -30.93 25.95 0.80
O2A HEM Q . -29.24 24.68 1.38
C1B HEM Q . -25.58 22.60 -4.21
C2B HEM Q . -24.79 21.82 -5.11
C3B HEM Q . -23.68 22.55 -5.37
C4B HEM Q . -23.78 23.72 -4.58
CMB HEM Q . -25.15 20.43 -5.61
CAB HEM Q . -22.59 22.32 -6.44
CBB HEM Q . -22.96 22.19 -7.90
C1C HEM Q . -22.79 25.64 -3.47
C2C HEM Q . -21.64 26.43 -3.03
C3C HEM Q . -22.07 27.16 -1.95
C4C HEM Q . -23.49 26.93 -1.85
CMC HEM Q . -20.26 26.53 -3.67
CAC HEM Q . -21.21 27.96 -0.96
CBC HEM Q . -20.60 29.25 -1.48
C1D HEM Q . -25.75 27.81 -1.24
C2D HEM Q . -26.63 28.81 -0.62
C3D HEM Q . -27.90 28.38 -0.81
C4D HEM Q . -27.78 27.10 -1.53
CMD HEM Q . -26.22 30.04 0.21
CAD HEM Q . -29.14 29.09 -0.26
CBD HEM Q . -29.37 28.81 1.23
CGD HEM Q . -30.72 29.28 1.73
O1D HEM Q . -31.61 28.43 1.88
O2D HEM Q . -30.88 30.49 1.99
NA HEM Q . -27.51 24.41 -2.82
NB HEM Q . -24.98 23.79 -3.93
NC HEM Q . -23.93 25.97 -2.74
ND HEM Q . -26.46 26.80 -1.85
FE HEM Q . -25.75 25.27 -2.91
CHA HEM R . -16.38 35.63 -5.35
CHB HEM R . -20.15 35.74 -2.37
CHC HEM R . -18.16 32.06 0.09
CHD HEM R . -14.09 32.63 -2.39
C1A HEM R . -17.59 35.96 -4.78
C2A HEM R . -18.46 36.96 -5.34
C3A HEM R . -19.49 37.03 -4.46
C4A HEM R . -19.26 36.07 -3.40
CMA HEM R . -20.57 38.10 -4.46
CAA HEM R . -18.18 37.87 -6.55
CBA HEM R . -17.22 38.97 -6.09
CGA HEM R . -16.98 40.07 -7.12
O1A HEM R . -16.22 41.02 -6.81
O2A HEM R . -17.53 40.01 -8.24
C1B HEM R . -19.92 34.76 -1.36
C2B HEM R . -20.92 34.29 -0.39
C3B HEM R . -20.37 33.21 0.27
C4B HEM R . -19.04 33.03 -0.31
CMB HEM R . -22.32 34.88 -0.16
CAB HEM R . -21.01 32.29 1.33
CBB HEM R . -22.19 31.47 0.83
C1C HEM R . -16.82 31.97 -0.30
C2C HEM R . -15.82 31.17 0.34
C3C HEM R . -14.65 31.44 -0.30
C4C HEM R . -14.96 32.32 -1.37
CMC HEM R . -16.05 30.17 1.46
CAC HEM R . -13.25 31.10 0.16
CBC HEM R . -12.79 29.71 -0.21
C1D HEM R . -14.33 33.53 -3.44
C2D HEM R . -13.34 33.94 -4.47
C3D HEM R . -13.99 34.85 -5.26
C4D HEM R . -15.37 34.92 -4.76
CMD HEM R . -11.87 33.50 -4.62
CAD HEM R . -13.38 35.72 -6.37
CBD HEM R . -13.53 37.22 -6.14
CGD HEM R . -13.29 38.04 -7.39
O1D HEM R . -12.34 38.84 -7.41
O2D HEM R . -14.06 37.88 -8.37
NA HEM R . -18.04 35.45 -3.59
NB HEM R . -18.76 33.97 -1.29
NC HEM R . -16.27 32.72 -1.33
ND HEM R . -15.54 34.20 -3.60
FE HEM R . -17.16 34.11 -2.43
#